data_1I3T
# 
_entry.id   1I3T 
# 
_audit_conform.dict_name       mmcif_pdbx.dic 
_audit_conform.dict_version    5.376 
_audit_conform.dict_location   http://mmcif.pdb.org/dictionaries/ascii/mmcif_pdbx.dic 
# 
loop_
_database_2.database_id 
_database_2.database_code 
_database_2.pdbx_database_accession 
_database_2.pdbx_DOI 
PDB   1I3T         pdb_00001i3t 10.2210/pdb1i3t/pdb 
NDB   BD0048       ?            ?                   
RCSB  RCSB012868   ?            ?                   
WWPDB D_1000012868 ?            ?                   
# 
_pdbx_database_related.db_name        NDB 
_pdbx_database_related.db_id          BD0049 
_pdbx_database_related.details        . 
_pdbx_database_related.content_type   unspecified 
# 
_pdbx_database_status.status_code                     REL 
_pdbx_database_status.entry_id                        1I3T 
_pdbx_database_status.recvd_initial_deposition_date   2001-02-16 
_pdbx_database_status.deposit_site                    NDB 
_pdbx_database_status.process_site                    RCSB 
_pdbx_database_status.status_code_sf                  REL 
_pdbx_database_status.SG_entry                        . 
_pdbx_database_status.pdb_format_compatible           Y 
_pdbx_database_status.status_code_mr                  ? 
_pdbx_database_status.status_code_cs                  ? 
_pdbx_database_status.status_code_nmr_data            ? 
_pdbx_database_status.methods_development_category    ? 
# 
loop_
_audit_author.name 
_audit_author.pdbx_ordinal 
'Hossain, M.T.' 1 
'Hikima, T.'    2 
'Chatake, T.'   3 
'Masaru, T.'    4 
'Sunami, T.'    5 
'Ueno, Y.'      6 
'Matsuda, A.'   7 
'Takenaka, A.'  8 
# 
_citation.id                        primary 
_citation.title                     
;Crystallographic studies on damaged DNAs: III. N(4)-methoxycytosine can form both Watson-Crick type and wobbled base pairs in a B-form duplex.
;
_citation.journal_abbrev            'J.Biochem.(Tokyo)' 
_citation.journal_volume            130 
_citation.page_first                9 
_citation.page_last                 12 
_citation.year                      2001 
_citation.journal_id_ASTM           JOBIAO 
_citation.country                   JA 
_citation.journal_id_ISSN           0021-924X 
_citation.journal_id_CSD            0418 
_citation.book_publisher            ? 
_citation.pdbx_database_id_PubMed   11432773 
_citation.pdbx_database_id_DOI      ? 
# 
loop_
_citation_author.citation_id 
_citation_author.name 
_citation_author.ordinal 
_citation_author.identifier_ORCID 
primary 'Hossain, M.T.' 1 ? 
primary 'Chatake, T.'   2 ? 
primary 'Hikima, T.'    3 ? 
primary 'Tsunoda, M.'   4 ? 
primary 'Sunami, T.'    5 ? 
primary 'Ueno, Y.'      6 ? 
primary 'Matsuda, A.'   7 ? 
primary 'Takenaka, A.'  8 ? 
# 
_cell.entry_id           1I3T 
_cell.length_a           25.182 
_cell.length_b           40.877 
_cell.length_c           63.731 
_cell.angle_alpha        90.00 
_cell.angle_beta         90.00 
_cell.angle_gamma        90.00 
_cell.Z_PDB              8 
_cell.pdbx_unique_axis   ? 
# 
_symmetry.entry_id                         1I3T 
_symmetry.space_group_name_H-M             'P 21 21 21' 
_symmetry.pdbx_full_space_group_name_H-M   ? 
_symmetry.cell_setting                     orthorhombic 
_symmetry.Int_Tables_number                19 
# 
loop_
_entity.id 
_entity.type 
_entity.src_method 
_entity.pdbx_description 
_entity.formula_weight 
_entity.pdbx_number_of_molecules 
_entity.pdbx_ec 
_entity.pdbx_mutation 
_entity.pdbx_fragment 
_entity.details 
1 polymer     syn "5'-D(*CP*GP*CP*GP*AP*AP*TP*TP*(C45)P*GP*CP*GP)-3'" 3693.418 2   ? ? ? ? 
2 non-polymer syn 'MAGNESIUM ION'                                     24.305   1   ? ? ? ? 
3 water       nat water                                               18.015   110 ? ? ? ? 
# 
_entity_poly.entity_id                      1 
_entity_poly.type                           polydeoxyribonucleotide 
_entity_poly.nstd_linkage                   no 
_entity_poly.nstd_monomer                   yes 
_entity_poly.pdbx_seq_one_letter_code       '(DC)(DG)(DC)(DG)(DA)(DA)(DT)(DT)(C45)(DG)(DC)(DG)' 
_entity_poly.pdbx_seq_one_letter_code_can   CGCGAATTCGCG 
_entity_poly.pdbx_strand_id                 A,B 
_entity_poly.pdbx_target_identifier         ? 
# 
loop_
_entity_poly_seq.entity_id 
_entity_poly_seq.num 
_entity_poly_seq.mon_id 
_entity_poly_seq.hetero 
1 1  DC  n 
1 2  DG  n 
1 3  DC  n 
1 4  DG  n 
1 5  DA  n 
1 6  DA  n 
1 7  DT  n 
1 8  DT  n 
1 9  C45 n 
1 10 DG  n 
1 11 DC  n 
1 12 DG  n 
# 
_struct_ref.id                         1 
_struct_ref.entity_id                  1 
_struct_ref.db_name                    PDB 
_struct_ref.db_code                    1I3T 
_struct_ref.pdbx_db_accession          1I3T 
_struct_ref.pdbx_db_isoform            ? 
_struct_ref.pdbx_seq_one_letter_code   ? 
_struct_ref.pdbx_align_begin           ? 
# 
loop_
_struct_ref_seq.align_id 
_struct_ref_seq.ref_id 
_struct_ref_seq.pdbx_PDB_id_code 
_struct_ref_seq.pdbx_strand_id 
_struct_ref_seq.seq_align_beg 
_struct_ref_seq.pdbx_seq_align_beg_ins_code 
_struct_ref_seq.seq_align_end 
_struct_ref_seq.pdbx_seq_align_end_ins_code 
_struct_ref_seq.pdbx_db_accession 
_struct_ref_seq.db_align_beg 
_struct_ref_seq.pdbx_db_align_beg_ins_code 
_struct_ref_seq.db_align_end 
_struct_ref_seq.pdbx_db_align_end_ins_code 
_struct_ref_seq.pdbx_auth_seq_align_beg 
_struct_ref_seq.pdbx_auth_seq_align_end 
1 1 1I3T A 1 ? 12 ? 1I3T 1  ? 12 ? 1  12 
2 1 1I3T B 1 ? 12 ? 1I3T 13 ? 24 ? 13 24 
# 
loop_
_chem_comp.id 
_chem_comp.type 
_chem_comp.mon_nstd_flag 
_chem_comp.name 
_chem_comp.pdbx_synonyms 
_chem_comp.formula 
_chem_comp.formula_weight 
C45 'DNA linking' n "N4-METHOXY-2'-DEOXY-CYTIDINE-5'-MONOPHOSPHATE" ? 'C10 H16 N3 O8 P' 337.223 
DA  'DNA linking' y "2'-DEOXYADENOSINE-5'-MONOPHOSPHATE"            ? 'C10 H14 N5 O6 P' 331.222 
DC  'DNA linking' y "2'-DEOXYCYTIDINE-5'-MONOPHOSPHATE"             ? 'C9 H14 N3 O7 P'  307.197 
DG  'DNA linking' y "2'-DEOXYGUANOSINE-5'-MONOPHOSPHATE"            ? 'C10 H14 N5 O7 P' 347.221 
DT  'DNA linking' y "THYMIDINE-5'-MONOPHOSPHATE"                    ? 'C10 H15 N2 O8 P' 322.208 
HOH non-polymer   . WATER                                           ? 'H2 O'            18.015  
MG  non-polymer   . 'MAGNESIUM ION'                                 ? 'Mg 2'            24.305  
# 
_exptl.entry_id          1I3T 
_exptl.method            'X-RAY DIFFRACTION' 
_exptl.crystals_number   2 
# 
_exptl_crystal.id                    1 
_exptl_crystal.density_meas          ? 
_exptl_crystal.density_Matthews      2.14 
_exptl_crystal.density_percent_sol   42.65 
_exptl_crystal.description           ? 
# 
_exptl_crystal_grow.crystal_id      1 
_exptl_crystal_grow.method          'VAPOR DIFFUSION, HANGING DROP' 
_exptl_crystal_grow.temp            277 
_exptl_crystal_grow.temp_details    ? 
_exptl_crystal_grow.pH              7.0 
_exptl_crystal_grow.pdbx_details    
;MPD, magnesium acetate, spermine, sodium cacodylate. pH 7.0, 
VAPOR DIFFUSION, HANGING DROP at 277 K
;
_exptl_crystal_grow.pdbx_pH_range   ? 
# 
loop_
_exptl_crystal_grow_comp.crystal_id 
_exptl_crystal_grow_comp.id 
_exptl_crystal_grow_comp.sol_id 
_exptl_crystal_grow_comp.name 
_exptl_crystal_grow_comp.volume 
_exptl_crystal_grow_comp.conc 
_exptl_crystal_grow_comp.details 
1 1 1 'magnesium acetate' ? ? ? 
1 2 1 spermine            ? ? ? 
1 3 1 'sodium cacodylate' ? ? ? 
1 4 1 MPD                 ? ? ? 
1 5 2 MPD                 ? ? ? 
# 
loop_
_diffrn.id 
_diffrn.ambient_temp 
_diffrn.ambient_temp_details 
_diffrn.crystal_id 
1 100 ? 1 
2 100 ? 1 
# 
loop_
_diffrn_detector.diffrn_id 
_diffrn_detector.detector 
_diffrn_detector.type 
_diffrn_detector.pdbx_collection_date 
_diffrn_detector.details 
1 DIFFRACTOMETER WEISSENBERG 1999-04-18 ? 
2 DIFFRACTOMETER WEISSENBERG 2000-12-03 ? 
# 
_diffrn_radiation.diffrn_id                        1 
_diffrn_radiation.wavelength_id                    1 
_diffrn_radiation.pdbx_monochromatic_or_laue_m_l   M 
_diffrn_radiation.monochromator                    ? 
_diffrn_radiation.pdbx_diffrn_protocol             'SINGLE WAVELENGTH' 
_diffrn_radiation.pdbx_scattering_type             x-ray 
# 
_diffrn_radiation_wavelength.id           1 
_diffrn_radiation_wavelength.wavelength   1.0 
_diffrn_radiation_wavelength.wt           1.0 
# 
loop_
_diffrn_source.diffrn_id 
_diffrn_source.source 
_diffrn_source.type 
_diffrn_source.pdbx_synchrotron_site 
_diffrn_source.pdbx_synchrotron_beamline 
_diffrn_source.pdbx_wavelength 
_diffrn_source.pdbx_wavelength_list 
1 SYNCHROTRON 'PHOTON FACTORY BEAMLINE BL-18B' 'Photon Factory' BL-18B ? 1.0 
2 SYNCHROTRON 'PHOTON FACTORY BEAMLINE BL-6B'  'Photon Factory' BL-6B  ? 1.0 
# 
_reflns.entry_id                     1I3T 
_reflns.observed_criterion_sigma_I   -3 
_reflns.observed_criterion_sigma_F   ? 
_reflns.d_resolution_low             100 
_reflns.d_resolution_high            1.6 
_reflns.number_obs                   9068 
_reflns.number_all                   9068 
_reflns.percent_possible_obs         97.6 
_reflns.pdbx_Rmerge_I_obs            0.08 
_reflns.pdbx_Rsym_value              ? 
_reflns.pdbx_netI_over_sigmaI        ? 
_reflns.B_iso_Wilson_estimate        13.5 
_reflns.pdbx_redundancy              ? 
_reflns.R_free_details               ? 
_reflns.pdbx_diffrn_id               1 
_reflns.pdbx_ordinal                 1 
# 
_reflns_shell.d_res_high             1.60 
_reflns_shell.d_res_low              1.66 
_reflns_shell.percent_possible_all   93.9 
_reflns_shell.Rmerge_I_obs           ? 
_reflns_shell.pdbx_Rsym_value        ? 
_reflns_shell.meanI_over_sigI_obs    ? 
_reflns_shell.pdbx_redundancy        ? 
_reflns_shell.percent_possible_obs   ? 
_reflns_shell.number_unique_all      759 
_reflns_shell.pdbx_diffrn_id         ? 
_reflns_shell.pdbx_ordinal           1 
# 
_refine.entry_id                                 1I3T 
_refine.ls_number_reflns_obs                     8895 
_refine.ls_number_reflns_all                     8895 
_refine.pdbx_ls_sigma_I                          ? 
_refine.pdbx_ls_sigma_F                          0 
_refine.pdbx_data_cutoff_high_absF               ? 
_refine.pdbx_data_cutoff_low_absF                ? 
_refine.ls_d_res_low                             10 
_refine.ls_d_res_high                            1.6 
_refine.ls_percent_reflns_obs                    97.6 
_refine.ls_R_factor_obs                          ? 
_refine.ls_R_factor_all                          ? 
_refine.ls_R_factor_R_work                       0.224 
_refine.ls_R_factor_R_free                       0.256 
_refine.ls_R_factor_R_free_error                 0.008 
_refine.ls_R_factor_R_free_error_details         ? 
_refine.ls_percent_reflns_R_free                 10.5 
_refine.ls_number_reflns_R_free                  936 
_refine.ls_number_parameters                     ? 
_refine.ls_number_restraints                     ? 
_refine.occupancy_min                            ? 
_refine.occupancy_max                            ? 
_refine.B_iso_mean                               24.5 
_refine.aniso_B[1][1]                            1.96 
_refine.aniso_B[2][2]                            -0.72 
_refine.aniso_B[3][3]                            -1.24 
_refine.aniso_B[1][2]                            0.00 
_refine.aniso_B[1][3]                            0.00 
_refine.aniso_B[2][3]                            0.00 
_refine.solvent_model_details                    ? 
_refine.solvent_model_param_ksol                 ? 
_refine.solvent_model_param_bsol                 ? 
_refine.pdbx_ls_cross_valid_method               THROUGHOUT 
_refine.details                                  ? 
_refine.pdbx_starting_model                      'PDB ENTRY 355D' 
_refine.pdbx_method_to_determine_struct          'MOLECULAR REPLACEMENT' 
_refine.pdbx_isotropic_thermal_model             ? 
_refine.pdbx_stereochemistry_target_values       ? 
_refine.pdbx_stereochem_target_val_spec_case     ? 
_refine.pdbx_R_Free_selection_details            RANDOM 
_refine.pdbx_overall_ESU_R_Free                  ? 
_refine.overall_SU_B                             ? 
_refine.ls_redundancy_reflns_obs                 ? 
_refine.overall_SU_ML                            ? 
_refine.pdbx_overall_ESU_R                       ? 
_refine.pdbx_data_cutoff_high_rms_absF           ? 
_refine.correlation_coeff_Fo_to_Fc               ? 
_refine.correlation_coeff_Fo_to_Fc_free          ? 
_refine.overall_SU_R_Cruickshank_DPI             ? 
_refine.overall_SU_R_free                        ? 
_refine.pdbx_refine_id                           'X-RAY DIFFRACTION' 
_refine.pdbx_diffrn_id                           1 
_refine.pdbx_TLS_residual_ADP_flag               ? 
_refine.pdbx_solvent_vdw_probe_radii             ? 
_refine.pdbx_solvent_ion_probe_radii             ? 
_refine.pdbx_solvent_shrinkage_radii             ? 
_refine.pdbx_overall_phase_error                 ? 
_refine.pdbx_overall_SU_R_free_Cruickshank_DPI   ? 
_refine.pdbx_overall_SU_R_Blow_DPI               ? 
_refine.pdbx_overall_SU_R_free_Blow_DPI          ? 
# 
_refine_analyze.entry_id                        1I3T 
_refine_analyze.Luzzati_coordinate_error_obs    0.22 
_refine_analyze.Luzzati_sigma_a_obs             0.25 
_refine_analyze.Luzzati_d_res_low_obs           5.00 
_refine_analyze.Luzzati_coordinate_error_free   0.26 
_refine_analyze.Luzzati_sigma_a_free            0.31 
_refine_analyze.Luzzati_d_res_low_free          ? 
_refine_analyze.number_disordered_residues      ? 
_refine_analyze.occupancy_sum_hydrogen          ? 
_refine_analyze.occupancy_sum_non_hydrogen      ? 
_refine_analyze.pdbx_refine_id                  'X-RAY DIFFRACTION' 
# 
_refine_hist.pdbx_refine_id                   'X-RAY DIFFRACTION' 
_refine_hist.cycle_id                         LAST 
_refine_hist.pdbx_number_atoms_protein        0 
_refine_hist.pdbx_number_atoms_nucleic_acid   486 
_refine_hist.pdbx_number_atoms_ligand         11 
_refine_hist.number_atoms_solvent             104 
_refine_hist.number_atoms_total               601 
_refine_hist.d_res_high                       1.6 
_refine_hist.d_res_low                        10 
# 
loop_
_refine_ls_restr.type 
_refine_ls_restr.dev_ideal 
_refine_ls_restr.dev_ideal_target 
_refine_ls_restr.weight 
_refine_ls_restr.number 
_refine_ls_restr.pdbx_refine_id 
_refine_ls_restr.pdbx_restraint_function 
c_bond_d           0.004 ? ? ? 'X-RAY DIFFRACTION' ? 
c_angle_deg        0.9   ? ? ? 'X-RAY DIFFRACTION' ? 
c_dihedral_angle_d 21.7  ? ? ? 'X-RAY DIFFRACTION' ? 
c_improper_angle_d 1.41  ? ? ? 'X-RAY DIFFRACTION' ? 
# 
_refine_ls_shell.pdbx_total_number_of_bins_used   10 
_refine_ls_shell.d_res_high                       1.60 
_refine_ls_shell.d_res_low                        1.66 
_refine_ls_shell.number_reflns_R_work             759 
_refine_ls_shell.R_factor_R_work                  0.376 
_refine_ls_shell.percent_reflns_obs               93.8 
_refine_ls_shell.R_factor_R_free                  0.429 
_refine_ls_shell.R_factor_R_free_error            0.05 
_refine_ls_shell.percent_reflns_R_free            8.9 
_refine_ls_shell.number_reflns_R_free             74 
_refine_ls_shell.redundancy_reflns_obs            ? 
_refine_ls_shell.pdbx_refine_id                   'X-RAY DIFFRACTION' 
_refine_ls_shell.number_reflns_all                ? 
_refine_ls_shell.R_factor_all                     ? 
# 
_struct.entry_id                  1I3T 
_struct.title                     
;MOLECULAR AND CRYSTAL STRUCTURE OF D(CGCGAATT(MO4)CGCG): THE WATSON-CRICK TYPE AND WOBBLE N4-METHOXYCYTIDINE/GUANOSINE BASE PAIRS IN B-DNA
;
_struct.pdbx_model_details        ? 
_struct.pdbx_CASP_flag            ? 
_struct.pdbx_model_type_details   ? 
# 
_struct_keywords.entry_id        1I3T 
_struct_keywords.pdbx_keywords   DNA 
_struct_keywords.text            'N4-METHOXYCYTOSINE, DAMAGED DNA, B-DNA, DOUBLE HELIX, DEOXYRIBONUCLEIC ACID, DNA' 
# 
loop_
_struct_asym.id 
_struct_asym.pdbx_blank_PDB_chainid_flag 
_struct_asym.pdbx_modified 
_struct_asym.entity_id 
_struct_asym.details 
A N N 1 ? 
B N N 1 ? 
C N N 2 ? 
D N N 3 ? 
E N N 3 ? 
# 
_struct_biol.id                    1 
_struct_biol.pdbx_parent_biol_id   ? 
_struct_biol.details               ? 
# 
loop_
_struct_conn.id 
_struct_conn.conn_type_id 
_struct_conn.pdbx_leaving_atom_flag 
_struct_conn.pdbx_PDB_id 
_struct_conn.ptnr1_label_asym_id 
_struct_conn.ptnr1_label_comp_id 
_struct_conn.ptnr1_label_seq_id 
_struct_conn.ptnr1_label_atom_id 
_struct_conn.pdbx_ptnr1_label_alt_id 
_struct_conn.pdbx_ptnr1_PDB_ins_code 
_struct_conn.pdbx_ptnr1_standard_comp_id 
_struct_conn.ptnr1_symmetry 
_struct_conn.ptnr2_label_asym_id 
_struct_conn.ptnr2_label_comp_id 
_struct_conn.ptnr2_label_seq_id 
_struct_conn.ptnr2_label_atom_id 
_struct_conn.pdbx_ptnr2_label_alt_id 
_struct_conn.pdbx_ptnr2_PDB_ins_code 
_struct_conn.ptnr1_auth_asym_id 
_struct_conn.ptnr1_auth_comp_id 
_struct_conn.ptnr1_auth_seq_id 
_struct_conn.ptnr2_auth_asym_id 
_struct_conn.ptnr2_auth_comp_id 
_struct_conn.ptnr2_auth_seq_id 
_struct_conn.ptnr2_symmetry 
_struct_conn.pdbx_ptnr3_label_atom_id 
_struct_conn.pdbx_ptnr3_label_seq_id 
_struct_conn.pdbx_ptnr3_label_comp_id 
_struct_conn.pdbx_ptnr3_label_asym_id 
_struct_conn.pdbx_ptnr3_label_alt_id 
_struct_conn.pdbx_ptnr3_PDB_ins_code 
_struct_conn.details 
_struct_conn.pdbx_dist_value 
_struct_conn.pdbx_value_order 
_struct_conn.pdbx_role 
covale1  covale both ? A DT  8  "O3'" ? ? ? 1_555 A C45 9  P  ? ? A DT  8   A C45 9   1_555 ? ? ? ? ? ? ?             1.609 ? ? 
covale2  covale one  ? A C45 9  "O3'" ? ? ? 1_555 A DG  10 P  ? ? A C45 9   A DG  10  1_555 ? ? ? ? ? ? ?             1.606 ? ? 
covale3  covale both ? B DT  8  "O3'" ? ? ? 1_555 B C45 9  P  ? ? B DT  20  B C45 21  1_555 ? ? ? ? ? ? ?             1.603 ? ? 
covale4  covale one  ? B C45 9  "O3'" ? ? ? 1_555 B DG  10 P  ? ? B C45 21  B DG  22  1_555 ? ? ? ? ? ? ?             1.607 ? ? 
metalc1  metalc ?    ? C MG  .  MG    ? ? ? 1_555 D HOH .  O  ? ? A MG  105 A HOH 106 1_555 ? ? ? ? ? ? ?             2.075 ? ? 
metalc2  metalc ?    ? C MG  .  MG    ? ? ? 1_555 D HOH .  O  ? ? A MG  105 A HOH 107 1_555 ? ? ? ? ? ? ?             2.061 ? ? 
metalc3  metalc ?    ? C MG  .  MG    ? ? ? 1_555 D HOH .  O  ? ? A MG  105 A HOH 108 1_555 ? ? ? ? ? ? ?             2.056 ? ? 
metalc4  metalc ?    ? C MG  .  MG    ? ? ? 1_555 E HOH .  O  ? ? A MG  105 B HOH 106 1_555 ? ? ? ? ? ? ?             2.077 ? ? 
metalc5  metalc ?    ? C MG  .  MG    ? ? ? 1_555 E HOH .  O  ? ? A MG  105 B HOH 107 1_555 ? ? ? ? ? ? ?             2.060 ? ? 
metalc6  metalc ?    ? C MG  .  MG    ? ? ? 1_555 E HOH .  O  ? ? A MG  105 B HOH 108 1_555 ? ? ? ? ? ? ?             2.060 ? ? 
hydrog1  hydrog ?    ? A DC  1  N3    ? ? ? 1_555 B DG  12 N1 ? ? A DC  1   B DG  24  1_555 ? ? ? ? ? ? WATSON-CRICK  ?     ? ? 
hydrog2  hydrog ?    ? A DC  1  N4    ? ? ? 1_555 B DG  12 O6 ? ? A DC  1   B DG  24  1_555 ? ? ? ? ? ? WATSON-CRICK  ?     ? ? 
hydrog3  hydrog ?    ? A DC  1  O2    ? ? ? 1_555 B DG  12 N2 ? ? A DC  1   B DG  24  1_555 ? ? ? ? ? ? WATSON-CRICK  ?     ? ? 
hydrog4  hydrog ?    ? A DG  2  N1    ? ? ? 1_555 B DC  11 N3 ? ? A DG  2   B DC  23  1_555 ? ? ? ? ? ? WATSON-CRICK  ?     ? ? 
hydrog5  hydrog ?    ? A DG  2  N2    ? ? ? 1_555 B DC  11 O2 ? ? A DG  2   B DC  23  1_555 ? ? ? ? ? ? WATSON-CRICK  ?     ? ? 
hydrog6  hydrog ?    ? A DG  2  O6    ? ? ? 1_555 B DC  11 N4 ? ? A DG  2   B DC  23  1_555 ? ? ? ? ? ? WATSON-CRICK  ?     ? ? 
hydrog7  hydrog ?    ? A DC  3  N3    ? ? ? 1_555 B DG  10 N1 ? ? A DC  3   B DG  22  1_555 ? ? ? ? ? ? WATSON-CRICK  ?     ? ? 
hydrog8  hydrog ?    ? A DC  3  N4    ? ? ? 1_555 B DG  10 O6 ? ? A DC  3   B DG  22  1_555 ? ? ? ? ? ? WATSON-CRICK  ?     ? ? 
hydrog9  hydrog ?    ? A DC  3  O2    ? ? ? 1_555 B DG  10 N2 ? ? A DC  3   B DG  22  1_555 ? ? ? ? ? ? WATSON-CRICK  ?     ? ? 
hydrog10 hydrog ?    ? A DG  4  N1    ? ? ? 1_555 B C45 9  O2 ? ? A DG  4   B C45 21  1_555 ? ? ? ? ? ? 'DG-C45 PAIR' ?     ? ? 
hydrog11 hydrog ?    ? A DA  5  N1    ? ? ? 1_555 B DT  8  N3 ? ? A DA  5   B DT  20  1_555 ? ? ? ? ? ? WATSON-CRICK  ?     ? ? 
hydrog12 hydrog ?    ? A DA  5  N6    ? ? ? 1_555 B DT  8  O4 ? ? A DA  5   B DT  20  1_555 ? ? ? ? ? ? WATSON-CRICK  ?     ? ? 
hydrog13 hydrog ?    ? A DA  6  N1    ? ? ? 1_555 B DT  7  N3 ? ? A DA  6   B DT  19  1_555 ? ? ? ? ? ? WATSON-CRICK  ?     ? ? 
hydrog14 hydrog ?    ? A DA  6  N6    ? ? ? 1_555 B DT  7  O4 ? ? A DA  6   B DT  19  1_555 ? ? ? ? ? ? WATSON-CRICK  ?     ? ? 
hydrog15 hydrog ?    ? A DT  7  N3    ? ? ? 1_555 B DA  6  N1 ? ? A DT  7   B DA  18  1_555 ? ? ? ? ? ? WATSON-CRICK  ?     ? ? 
hydrog16 hydrog ?    ? A DT  7  O4    ? ? ? 1_555 B DA  6  N6 ? ? A DT  7   B DA  18  1_555 ? ? ? ? ? ? WATSON-CRICK  ?     ? ? 
hydrog17 hydrog ?    ? A DT  8  N3    ? ? ? 1_555 B DA  5  N1 ? ? A DT  8   B DA  17  1_555 ? ? ? ? ? ? WATSON-CRICK  ?     ? ? 
hydrog18 hydrog ?    ? A DT  8  O4    ? ? ? 1_555 B DA  5  N6 ? ? A DT  8   B DA  17  1_555 ? ? ? ? ? ? WATSON-CRICK  ?     ? ? 
hydrog19 hydrog ?    ? A C45 9  N3    ? ? ? 1_555 B DG  4  N1 ? ? A C45 9   B DG  16  1_555 ? ? ? ? ? ? WATSON-CRICK  ?     ? ? 
hydrog20 hydrog ?    ? A C45 9  N4    ? ? ? 1_555 B DG  4  O6 ? ? A C45 9   B DG  16  1_555 ? ? ? ? ? ? WATSON-CRICK  ?     ? ? 
hydrog21 hydrog ?    ? A C45 9  O2    ? ? ? 1_555 B DG  4  N2 ? ? A C45 9   B DG  16  1_555 ? ? ? ? ? ? WATSON-CRICK  ?     ? ? 
hydrog22 hydrog ?    ? A DG  10 N1    ? ? ? 1_555 B DC  3  N3 ? ? A DG  10  B DC  15  1_555 ? ? ? ? ? ? WATSON-CRICK  ?     ? ? 
hydrog23 hydrog ?    ? A DG  10 N2    ? ? ? 1_555 B DC  3  O2 ? ? A DG  10  B DC  15  1_555 ? ? ? ? ? ? WATSON-CRICK  ?     ? ? 
hydrog24 hydrog ?    ? A DG  10 O6    ? ? ? 1_555 B DC  3  N4 ? ? A DG  10  B DC  15  1_555 ? ? ? ? ? ? WATSON-CRICK  ?     ? ? 
hydrog25 hydrog ?    ? A DC  11 N3    ? ? ? 1_555 B DG  2  N1 ? ? A DC  11  B DG  14  1_555 ? ? ? ? ? ? WATSON-CRICK  ?     ? ? 
hydrog26 hydrog ?    ? A DC  11 N4    ? ? ? 1_555 B DG  2  O6 ? ? A DC  11  B DG  14  1_555 ? ? ? ? ? ? WATSON-CRICK  ?     ? ? 
hydrog27 hydrog ?    ? A DC  11 O2    ? ? ? 1_555 B DG  2  N2 ? ? A DC  11  B DG  14  1_555 ? ? ? ? ? ? WATSON-CRICK  ?     ? ? 
hydrog28 hydrog ?    ? A DG  12 N1    ? ? ? 1_555 B DC  1  N3 ? ? A DG  12  B DC  13  1_555 ? ? ? ? ? ? WATSON-CRICK  ?     ? ? 
hydrog29 hydrog ?    ? A DG  12 N2    ? ? ? 1_555 B DC  1  O2 ? ? A DG  12  B DC  13  1_555 ? ? ? ? ? ? WATSON-CRICK  ?     ? ? 
hydrog30 hydrog ?    ? A DG  12 O6    ? ? ? 1_555 B DC  1  N4 ? ? A DG  12  B DC  13  1_555 ? ? ? ? ? ? WATSON-CRICK  ?     ? ? 
# 
loop_
_struct_conn_type.id 
_struct_conn_type.criteria 
_struct_conn_type.reference 
covale ? ? 
metalc ? ? 
hydrog ? ? 
# 
_struct_site.id                   AC1 
_struct_site.pdbx_evidence_code   Software 
_struct_site.pdbx_auth_asym_id    A 
_struct_site.pdbx_auth_comp_id    MG 
_struct_site.pdbx_auth_seq_id     105 
_struct_site.pdbx_auth_ins_code   ? 
_struct_site.pdbx_num_residues    6 
_struct_site.details              'BINDING SITE FOR RESIDUE MG A 105' 
# 
loop_
_struct_site_gen.id 
_struct_site_gen.site_id 
_struct_site_gen.pdbx_num_res 
_struct_site_gen.label_comp_id 
_struct_site_gen.label_asym_id 
_struct_site_gen.label_seq_id 
_struct_site_gen.pdbx_auth_ins_code 
_struct_site_gen.auth_comp_id 
_struct_site_gen.auth_asym_id 
_struct_site_gen.auth_seq_id 
_struct_site_gen.label_atom_id 
_struct_site_gen.label_alt_id 
_struct_site_gen.symmetry 
_struct_site_gen.details 
1 AC1 6 HOH D . ? HOH A 106 . ? 1_555 ? 
2 AC1 6 HOH D . ? HOH A 107 . ? 1_555 ? 
3 AC1 6 HOH D . ? HOH A 108 . ? 1_555 ? 
4 AC1 6 HOH E . ? HOH B 106 . ? 1_555 ? 
5 AC1 6 HOH E . ? HOH B 107 . ? 1_555 ? 
6 AC1 6 HOH E . ? HOH B 108 . ? 1_555 ? 
# 
_atom_sites.entry_id                    1I3T 
_atom_sites.fract_transf_matrix[1][1]   0.03084289 
_atom_sites.fract_transf_matrix[1][2]   0.01369223 
_atom_sites.fract_transf_matrix[1][3]   -0.02093329 
_atom_sites.fract_transf_matrix[2][1]   0.00673667 
_atom_sites.fract_transf_matrix[2][2]   -0.02296025 
_atom_sites.fract_transf_matrix[2][3]   -0.00509231 
_atom_sites.fract_transf_matrix[3][1]   -0.00888911 
_atom_sites.fract_transf_matrix[3][2]   0.00025908 
_atom_sites.fract_transf_matrix[3][3]   -0.01292765 
_atom_sites.fract_transf_vector[1]      0.432210 
_atom_sites.fract_transf_vector[2]      0.038820 
_atom_sites.fract_transf_vector[3]      0.385913 
# 
loop_
_atom_type.symbol 
C  
MG 
N  
O  
P  
# 
loop_
_atom_site.group_PDB 
_atom_site.id 
_atom_site.type_symbol 
_atom_site.label_atom_id 
_atom_site.label_alt_id 
_atom_site.label_comp_id 
_atom_site.label_asym_id 
_atom_site.label_entity_id 
_atom_site.label_seq_id 
_atom_site.pdbx_PDB_ins_code 
_atom_site.Cartn_x 
_atom_site.Cartn_y 
_atom_site.Cartn_z 
_atom_site.occupancy 
_atom_site.B_iso_or_equiv 
_atom_site.pdbx_formal_charge 
_atom_site.auth_seq_id 
_atom_site.auth_comp_id 
_atom_site.auth_asym_id 
_atom_site.auth_atom_id 
_atom_site.pdbx_PDB_model_num 
ATOM   1   O  "O5'" . DC  A 1 1  ? 7.993   -16.113 13.447  1.00 25.74 ? 1   DC  A "O5'" 1 
ATOM   2   C  "C5'" . DC  A 1 1  ? 8.381   -14.738 13.523  1.00 22.90 ? 1   DC  A "C5'" 1 
ATOM   3   C  "C4'" . DC  A 1 1  ? 7.234   -13.934 14.087  1.00 21.91 ? 1   DC  A "C4'" 1 
ATOM   4   O  "O4'" . DC  A 1 1  ? 7.655   -12.572 14.320  1.00 21.53 ? 1   DC  A "O4'" 1 
ATOM   5   C  "C3'" . DC  A 1 1  ? 5.999   -13.849 13.192  1.00 22.59 ? 1   DC  A "C3'" 1 
ATOM   6   O  "O3'" . DC  A 1 1  ? 4.833   -13.925 14.011  1.00 23.10 ? 1   DC  A "O3'" 1 
ATOM   7   C  "C2'" . DC  A 1 1  ? 6.132   -12.481 12.541  1.00 21.11 ? 1   DC  A "C2'" 1 
ATOM   8   C  "C1'" . DC  A 1 1  ? 6.805   -11.669 13.631  1.00 19.80 ? 1   DC  A "C1'" 1 
ATOM   9   N  N1    . DC  A 1 1  ? 7.636   -10.543 13.174  1.00 19.29 ? 1   DC  A N1    1 
ATOM   10  C  C2    . DC  A 1 1  ? 7.439   -9.284  13.752  1.00 20.34 ? 1   DC  A C2    1 
ATOM   11  O  O2    . DC  A 1 1  ? 6.527   -9.139  14.583  1.00 19.68 ? 1   DC  A O2    1 
ATOM   12  N  N3    . DC  A 1 1  ? 8.245   -8.257  13.393  1.00 17.73 ? 1   DC  A N3    1 
ATOM   13  C  C4    . DC  A 1 1  ? 9.212   -8.450  12.497  1.00 19.54 ? 1   DC  A C4    1 
ATOM   14  N  N4    . DC  A 1 1  ? 10.011  -7.414  12.211  1.00 20.18 ? 1   DC  A N4    1 
ATOM   15  C  C5    . DC  A 1 1  ? 9.411   -9.713  11.863  1.00 18.05 ? 1   DC  A C5    1 
ATOM   16  C  C6    . DC  A 1 1  ? 8.605   -10.721 12.225  1.00 17.68 ? 1   DC  A C6    1 
ATOM   17  P  P     . DG  A 1 2  ? 3.389   -14.107 13.339  1.00 23.80 ? 2   DG  A P     1 
ATOM   18  O  OP1   . DG  A 1 2  ? 2.599   -14.965 14.264  1.00 25.52 ? 2   DG  A OP1   1 
ATOM   19  O  OP2   . DG  A 1 2  ? 3.553   -14.515 11.922  1.00 24.10 ? 2   DG  A OP2   1 
ATOM   20  O  "O5'" . DG  A 1 2  ? 2.773   -12.640 13.378  1.00 22.98 ? 2   DG  A "O5'" 1 
ATOM   21  C  "C5'" . DG  A 1 2  ? 2.461   -12.017 14.617  1.00 21.56 ? 2   DG  A "C5'" 1 
ATOM   22  C  "C4'" . DG  A 1 2  ? 1.947   -10.620 14.371  1.00 20.76 ? 2   DG  A "C4'" 1 
ATOM   23  O  "O4'" . DG  A 1 2  ? 3.028   -9.754  13.951  1.00 19.93 ? 2   DG  A "O4'" 1 
ATOM   24  C  "C3'" . DG  A 1 2  ? 0.876   -10.538 13.283  1.00 20.52 ? 2   DG  A "C3'" 1 
ATOM   25  O  "O3'" . DG  A 1 2  ? -0.191  -9.728  13.773  1.00 20.58 ? 2   DG  A "O3'" 1 
ATOM   26  C  "C2'" . DG  A 1 2  ? 1.601   -9.887  12.113  1.00 20.42 ? 2   DG  A "C2'" 1 
ATOM   27  C  "C1'" . DG  A 1 2  ? 2.614   -9.008  12.822  1.00 20.23 ? 2   DG  A "C1'" 1 
ATOM   28  N  N9    . DG  A 1 2  ? 3.809   -8.648  12.060  1.00 18.21 ? 2   DG  A N9    1 
ATOM   29  C  C8    . DG  A 1 2  ? 4.489   -9.415  11.143  1.00 17.94 ? 2   DG  A C8    1 
ATOM   30  N  N7    . DG  A 1 2  ? 5.539   -8.812  10.647  1.00 16.61 ? 2   DG  A N7    1 
ATOM   31  C  C5    . DG  A 1 2  ? 5.548   -7.568  11.269  1.00 17.23 ? 2   DG  A C5    1 
ATOM   32  C  C6    . DG  A 1 2  ? 6.446   -6.467  11.135  1.00 17.19 ? 2   DG  A C6    1 
ATOM   33  O  O6    . DG  A 1 2  ? 7.443   -6.361  10.404  1.00 17.15 ? 2   DG  A O6    1 
ATOM   34  N  N1    . DG  A 1 2  ? 6.085   -5.410  11.963  1.00 16.90 ? 2   DG  A N1    1 
ATOM   35  C  C2    . DG  A 1 2  ? 5.001   -5.397  12.803  1.00 16.77 ? 2   DG  A C2    1 
ATOM   36  N  N2    . DG  A 1 2  ? 4.824   -4.275  13.523  1.00 18.28 ? 2   DG  A N2    1 
ATOM   37  N  N3    . DG  A 1 2  ? 4.150   -6.405  12.930  1.00 17.10 ? 2   DG  A N3    1 
ATOM   38  C  C4    . DG  A 1 2  ? 4.485   -7.452  12.142  1.00 17.78 ? 2   DG  A C4    1 
ATOM   39  P  P     . DC  A 1 3  ? -1.571  -9.624  12.958  1.00 20.86 ? 3   DC  A P     1 
ATOM   40  O  OP1   . DC  A 1 3  ? -2.650  -9.949  13.929  1.00 23.08 ? 3   DC  A OP1   1 
ATOM   41  O  OP2   . DC  A 1 3  ? -1.477  -10.377 11.687  1.00 20.88 ? 3   DC  A OP2   1 
ATOM   42  O  "O5'" . DC  A 1 3  ? -1.674  -8.067  12.626  1.00 21.47 ? 3   DC  A "O5'" 1 
ATOM   43  C  "C5'" . DC  A 1 3  ? -1.549  -7.102  13.664  1.00 21.76 ? 3   DC  A "C5'" 1 
ATOM   44  C  "C4'" . DC  A 1 3  ? -0.926  -5.833  13.131  1.00 20.81 ? 3   DC  A "C4'" 1 
ATOM   45  O  "O4'" . DC  A 1 3  ? 0.401   -6.094  12.637  1.00 21.71 ? 3   DC  A "O4'" 1 
ATOM   46  C  "C3'" . DC  A 1 3  ? -1.650  -5.199  11.953  1.00 21.53 ? 3   DC  A "C3'" 1 
ATOM   47  O  "O3'" . DC  A 1 3  ? -2.696  -4.361  12.453  1.00 22.80 ? 3   DC  A "O3'" 1 
ATOM   48  C  "C2'" . DC  A 1 3  ? -0.550  -4.387  11.283  1.00 21.69 ? 3   DC  A "C2'" 1 
ATOM   49  C  "C1'" . DC  A 1 3  ? 0.760   -5.040  11.755  1.00 20.73 ? 3   DC  A "C1'" 1 
ATOM   50  N  N1    . DC  A 1 3  ? 1.597   -5.613  10.686  1.00 19.94 ? 3   DC  A N1    1 
ATOM   51  C  C2    . DC  A 1 3  ? 2.712   -4.891  10.235  1.00 18.31 ? 3   DC  A C2    1 
ATOM   52  O  O2    . DC  A 1 3  ? 2.930   -3.761  10.707  1.00 16.84 ? 3   DC  A O2    1 
ATOM   53  N  N3    . DC  A 1 3  ? 3.517   -5.440  9.288   1.00 17.63 ? 3   DC  A N3    1 
ATOM   54  C  C4    . DC  A 1 3  ? 3.233   -6.648  8.790   1.00 19.72 ? 3   DC  A C4    1 
ATOM   55  N  N4    . DC  A 1 3  ? 4.064   -7.163  7.879   1.00 20.87 ? 3   DC  A N4    1 
ATOM   56  C  C5    . DC  A 1 3  ? 2.087   -7.387  9.212   1.00 19.61 ? 3   DC  A C5    1 
ATOM   57  C  C6    . DC  A 1 3  ? 1.305   -6.838  10.149  1.00 20.81 ? 3   DC  A C6    1 
ATOM   58  P  P     . DG  A 1 4  ? -3.663  -3.587  11.430  1.00 23.56 ? 4   DG  A P     1 
ATOM   59  O  OP1   . DG  A 1 4  ? -4.940  -3.336  12.146  1.00 25.25 ? 4   DG  A OP1   1 
ATOM   60  O  OP2   . DG  A 1 4  ? -3.673  -4.306  10.132  1.00 25.90 ? 4   DG  A OP2   1 
ATOM   61  O  "O5'" . DG  A 1 4  ? -2.940  -2.183  11.222  1.00 22.49 ? 4   DG  A "O5'" 1 
ATOM   62  C  "C5'" . DG  A 1 4  ? -2.504  -1.419  12.343  1.00 20.20 ? 4   DG  A "C5'" 1 
ATOM   63  C  "C4'" . DG  A 1 4  ? -1.585  -0.310  11.892  1.00 19.97 ? 4   DG  A "C4'" 1 
ATOM   64  O  "O4'" . DG  A 1 4  ? -0.437  -0.899  11.228  1.00 18.25 ? 4   DG  A "O4'" 1 
ATOM   65  C  "C3'" . DG  A 1 4  ? -2.192  0.676   10.890  1.00 19.15 ? 4   DG  A "C3'" 1 
ATOM   66  O  "O3'" . DG  A 1 4  ? -1.713  1.989   11.211  1.00 21.55 ? 4   DG  A "O3'" 1 
ATOM   67  C  "C2'" . DG  A 1 4  ? -1.660  0.185   9.555   1.00 19.36 ? 4   DG  A "C2'" 1 
ATOM   68  C  "C1'" . DG  A 1 4  ? -0.284  -0.321  9.941   1.00 17.39 ? 4   DG  A "C1'" 1 
ATOM   69  N  N9    . DG  A 1 4  ? 0.296   -1.328  9.052   1.00 17.42 ? 4   DG  A N9    1 
ATOM   70  C  C8    . DG  A 1 4  ? -0.285  -2.490  8.594   1.00 15.47 ? 4   DG  A C8    1 
ATOM   71  N  N7    . DG  A 1 4  ? 0.502   -3.179  7.805   1.00 18.99 ? 4   DG  A N7    1 
ATOM   72  C  C5    . DG  A 1 4  ? 1.669   -2.424  7.738   1.00 17.65 ? 4   DG  A C5    1 
ATOM   73  C  C6    . DG  A 1 4  ? 2.881   -2.653  7.025   1.00 18.05 ? 4   DG  A C6    1 
ATOM   74  O  O6    . DG  A 1 4  ? 3.178   -3.598  6.284   1.00 20.65 ? 4   DG  A O6    1 
ATOM   75  N  N1    . DG  A 1 4  ? 3.800   -1.631  7.240   1.00 18.97 ? 4   DG  A N1    1 
ATOM   76  C  C2    . DG  A 1 4  ? 3.585   -0.527  8.026   1.00 18.52 ? 4   DG  A C2    1 
ATOM   77  N  N2    . DG  A 1 4  ? 4.590   0.360   8.100   1.00 17.60 ? 4   DG  A N2    1 
ATOM   78  N  N3    . DG  A 1 4  ? 2.463   -0.302  8.691   1.00 16.19 ? 4   DG  A N3    1 
ATOM   79  C  C4    . DG  A 1 4  ? 1.556   -1.284  8.504   1.00 15.89 ? 4   DG  A C4    1 
ATOM   80  P  P     . DA  A 1 5  ? -1.893  3.202   10.170  1.00 22.07 ? 5   DA  A P     1 
ATOM   81  O  OP1   . DA  A 1 5  ? -2.130  4.430   10.975  1.00 24.78 ? 5   DA  A OP1   1 
ATOM   82  O  OP2   . DA  A 1 5  ? -2.853  2.834   9.106   1.00 21.10 ? 5   DA  A OP2   1 
ATOM   83  O  "O5'" . DA  A 1 5  ? -0.452  3.335   9.505   1.00 20.39 ? 5   DA  A "O5'" 1 
ATOM   84  C  "C5'" . DA  A 1 5  ? 0.688   3.626   10.300  1.00 20.28 ? 5   DA  A "C5'" 1 
ATOM   85  C  "C4'" . DA  A 1 5  ? 1.836   4.063   9.422   1.00 19.44 ? 5   DA  A "C4'" 1 
ATOM   86  O  "O4'" . DA  A 1 5  ? 2.242   2.976   8.556   1.00 20.24 ? 5   DA  A "O4'" 1 
ATOM   87  C  "C3'" . DA  A 1 5  ? 1.528   5.235   8.499   1.00 19.53 ? 5   DA  A "C3'" 1 
ATOM   88  O  "O3'" . DA  A 1 5  ? 2.706   6.033   8.382   1.00 17.52 ? 5   DA  A "O3'" 1 
ATOM   89  C  "C2'" . DA  A 1 5  ? 1.168   4.566   7.182   1.00 19.91 ? 5   DA  A "C2'" 1 
ATOM   90  C  "C1'" . DA  A 1 5  ? 2.014   3.301   7.187   1.00 17.42 ? 5   DA  A "C1'" 1 
ATOM   91  N  N9    . DA  A 1 5  ? 1.381   2.138   6.560   1.00 17.00 ? 5   DA  A N9    1 
ATOM   92  C  C8    . DA  A 1 5  ? 0.112   1.654   6.765   1.00 16.70 ? 5   DA  A C8    1 
ATOM   93  N  N7    . DA  A 1 5  ? -0.146  0.546   6.108   1.00 15.63 ? 5   DA  A N7    1 
ATOM   94  C  C5    . DA  A 1 5  ? 1.030   0.288   5.416   1.00 16.05 ? 5   DA  A C5    1 
ATOM   95  C  C6    . DA  A 1 5  ? 1.411   -0.762  4.556   1.00 17.10 ? 5   DA  A C6    1 
ATOM   96  N  N6    . DA  A 1 5  ? 0.625   -1.806  4.262   1.00 16.90 ? 5   DA  A N6    1 
ATOM   97  N  N1    . DA  A 1 5  ? 2.649   -0.708  4.012   1.00 15.71 ? 5   DA  A N1    1 
ATOM   98  C  C2    . DA  A 1 5  ? 3.449   0.317   4.337   1.00 15.65 ? 5   DA  A C2    1 
ATOM   99  N  N3    . DA  A 1 5  ? 3.211   1.352   5.152   1.00 14.96 ? 5   DA  A N3    1 
ATOM   100 C  C4    . DA  A 1 5  ? 1.969   1.274   5.664   1.00 15.95 ? 5   DA  A C4    1 
ATOM   101 P  P     . DA  A 1 6  ? 2.712   7.315   7.421   1.00 17.77 ? 6   DA  A P     1 
ATOM   102 O  OP1   . DA  A 1 6  ? 3.771   8.204   7.958   1.00 18.10 ? 6   DA  A OP1   1 
ATOM   103 O  OP2   . DA  A 1 6  ? 1.328   7.829   7.239   1.00 16.62 ? 6   DA  A OP2   1 
ATOM   104 O  "O5'" . DA  A 1 6  ? 3.214   6.742   6.024   1.00 14.82 ? 6   DA  A "O5'" 1 
ATOM   105 C  "C5'" . DA  A 1 6  ? 4.541   6.234   5.894   1.00 15.30 ? 6   DA  A "C5'" 1 
ATOM   106 C  "C4'" . DA  A 1 6  ? 4.793   5.778   4.476   1.00 15.12 ? 6   DA  A "C4'" 1 
ATOM   107 O  "O4'" . DA  A 1 6  ? 3.998   4.609   4.206   1.00 15.33 ? 6   DA  A "O4'" 1 
ATOM   108 C  "C3'" . DA  A 1 6  ? 4.465   6.792   3.378   1.00 14.76 ? 6   DA  A "C3'" 1 
ATOM   109 O  "O3'" . DA  A 1 6  ? 5.675   7.090   2.682   1.00 14.90 ? 6   DA  A "O3'" 1 
ATOM   110 C  "C2'" . DA  A 1 6  ? 3.426   6.098   2.501   1.00 13.85 ? 6   DA  A "C2'" 1 
ATOM   111 C  "C1'" . DA  A 1 6  ? 3.561   4.628   2.862   1.00 14.62 ? 6   DA  A "C1'" 1 
ATOM   112 N  N9    . DA  A 1 6  ? 2.325   3.845   2.803   1.00 12.84 ? 6   DA  A N9    1 
ATOM   113 C  C8    . DA  A 1 6  ? 1.145   4.070   3.472   1.00 15.05 ? 6   DA  A C8    1 
ATOM   114 N  N7    . DA  A 1 6  ? 0.245   3.131   3.286   1.00 14.41 ? 6   DA  A N7    1 
ATOM   115 C  C5    . DA  A 1 6  ? 0.870   2.238   2.422   1.00 14.34 ? 6   DA  A C5    1 
ATOM   116 C  C6    . DA  A 1 6  ? 0.457   1.013   1.860   1.00 15.29 ? 6   DA  A C6    1 
ATOM   117 N  N6    . DA  A 1 6  ? -0.718  0.433   2.116   1.00 14.84 ? 6   DA  A N6    1 
ATOM   118 N  N1    . DA  A 1 6  ? 1.318   0.384   1.024   1.00 13.91 ? 6   DA  A N1    1 
ATOM   119 C  C2    . DA  A 1 6  ? 2.510   0.942   0.794   1.00 15.19 ? 6   DA  A C2    1 
ATOM   120 N  N3    . DA  A 1 6  ? 3.019   2.079   1.278   1.00 14.59 ? 6   DA  A N3    1 
ATOM   121 C  C4    . DA  A 1 6  ? 2.137   2.682   2.095   1.00 13.81 ? 6   DA  A C4    1 
ATOM   122 P  P     . DT  A 1 7  ? 5.667   8.083   1.417   1.00 16.52 ? 7   DT  A P     1 
ATOM   123 O  OP1   . DT  A 1 7  ? 7.048   8.631   1.318   1.00 18.15 ? 7   DT  A OP1   1 
ATOM   124 O  OP2   . DT  A 1 7  ? 4.508   9.004   1.466   1.00 15.76 ? 7   DT  A OP2   1 
ATOM   125 O  "O5'" . DT  A 1 7  ? 5.441   7.108   0.182   1.00 17.18 ? 7   DT  A "O5'" 1 
ATOM   126 C  "C5'" . DT  A 1 7  ? 6.300   5.989   -0.026  1.00 16.72 ? 7   DT  A "C5'" 1 
ATOM   127 C  "C4'" . DT  A 1 7  ? 5.724   5.078   -1.084  1.00 17.28 ? 7   DT  A "C4'" 1 
ATOM   128 O  "O4'" . DT  A 1 7  ? 4.476   4.514   -0.638  1.00 16.95 ? 7   DT  A "O4'" 1 
ATOM   129 C  "C3'" . DT  A 1 7  ? 5.427   5.732   -2.434  1.00 17.14 ? 7   DT  A "C3'" 1 
ATOM   130 O  "O3'" . DT  A 1 7  ? 6.436   5.326   -3.357  1.00 19.40 ? 7   DT  A "O3'" 1 
ATOM   131 C  "C2'" . DT  A 1 7  ? 4.036   5.234   -2.811  1.00 18.02 ? 7   DT  A "C2'" 1 
ATOM   132 C  "C1'" . DT  A 1 7  ? 3.751   4.146   -1.789  1.00 16.27 ? 7   DT  A "C1'" 1 
ATOM   133 N  N1    . DT  A 1 7  ? 2.341   3.970   -1.395  1.00 13.84 ? 7   DT  A N1    1 
ATOM   134 C  C2    . DT  A 1 7  ? 1.705   2.819   -1.804  1.00 14.10 ? 7   DT  A C2    1 
ATOM   135 O  O2    . DT  A 1 7  ? 2.234   1.988   -2.539  1.00 15.30 ? 7   DT  A O2    1 
ATOM   136 N  N3    . DT  A 1 7  ? 0.424   2.676   -1.330  1.00 15.13 ? 7   DT  A N3    1 
ATOM   137 C  C4    . DT  A 1 7  ? -0.275  3.558   -0.520  1.00 14.73 ? 7   DT  A C4    1 
ATOM   138 O  O4    . DT  A 1 7  ? -1.425  3.278   -0.148  1.00 15.14 ? 7   DT  A O4    1 
ATOM   139 C  C5    . DT  A 1 7  ? 0.434   4.764   -0.167  1.00 14.44 ? 7   DT  A C5    1 
ATOM   140 C  C7    . DT  A 1 7  ? -0.256  5.791   0.677   1.00 17.17 ? 7   DT  A C7    1 
ATOM   141 C  C6    . DT  A 1 7  ? 1.694   4.910   -0.615  1.00 14.93 ? 7   DT  A C6    1 
ATOM   142 P  P     . DT  A 1 8  ? 6.357   5.782   -4.892  1.00 21.98 ? 8   DT  A P     1 
ATOM   143 O  OP1   . DT  A 1 8  ? 7.735   5.706   -5.440  1.00 23.31 ? 8   DT  A OP1   1 
ATOM   144 O  OP2   . DT  A 1 8  ? 5.583   7.044   -5.007  1.00 22.67 ? 8   DT  A OP2   1 
ATOM   145 O  "O5'" . DT  A 1 8  ? 5.523   4.619   -5.580  1.00 22.25 ? 8   DT  A "O5'" 1 
ATOM   146 C  "C5'" . DT  A 1 8  ? 5.926   3.268   -5.430  1.00 23.28 ? 8   DT  A "C5'" 1 
ATOM   147 C  "C4'" . DT  A 1 8  ? 4.919   2.359   -6.088  1.00 24.04 ? 8   DT  A "C4'" 1 
ATOM   148 O  "O4'" . DT  A 1 8  ? 3.680   2.373   -5.343  1.00 22.40 ? 8   DT  A "O4'" 1 
ATOM   149 C  "C3'" . DT  A 1 8  ? 4.570   2.737   -7.529  1.00 25.15 ? 8   DT  A "C3'" 1 
ATOM   150 O  "O3'" . DT  A 1 8  ? 4.839   1.618   -8.373  1.00 27.67 ? 8   DT  A "O3'" 1 
ATOM   151 C  "C2'" . DT  A 1 8  ? 3.088   3.080   -7.487  1.00 23.82 ? 8   DT  A "C2'" 1 
ATOM   152 C  "C1'" . DT  A 1 8  ? 2.595   2.352   -6.250  1.00 21.95 ? 8   DT  A "C1'" 1 
ATOM   153 N  N1    . DT  A 1 8  ? 1.443   2.974   -5.576  1.00 19.20 ? 8   DT  A N1    1 
ATOM   154 C  C2    . DT  A 1 8  ? 0.308   2.215   -5.420  1.00 19.49 ? 8   DT  A C2    1 
ATOM   155 O  O2    . DT  A 1 8  ? 0.205   1.081   -5.857  1.00 18.12 ? 8   DT  A O2    1 
ATOM   156 N  N3    . DT  A 1 8  ? -0.708  2.836   -4.733  1.00 18.17 ? 8   DT  A N3    1 
ATOM   157 C  C4    . DT  A 1 8  ? -0.699  4.116   -4.205  1.00 17.44 ? 8   DT  A C4    1 
ATOM   158 O  O4    . DT  A 1 8  ? -1.673  4.531   -3.591  1.00 20.13 ? 8   DT  A O4    1 
ATOM   159 C  C5    . DT  A 1 8  ? 0.515   4.868   -4.434  1.00 18.93 ? 8   DT  A C5    1 
ATOM   160 C  C7    . DT  A 1 8  ? 0.606   6.270   -3.922  1.00 18.84 ? 8   DT  A C7    1 
ATOM   161 C  C6    . DT  A 1 8  ? 1.512   4.267   -5.101  1.00 16.93 ? 8   DT  A C6    1 
HETATM 162 N  N1    . C45 A 1 9  ? -1.104  1.529   -8.859  1.00 23.24 ? 9   C45 A N1    1 
HETATM 163 C  C2    . C45 A 1 9  ? -2.403  1.586   -8.350  1.00 22.34 ? 9   C45 A C2    1 
HETATM 164 N  N3    . C45 A 1 9  ? -2.847  2.734   -7.796  1.00 23.00 ? 9   C45 A N3    1 
HETATM 165 C  C4    . C45 A 1 9  ? -2.059  3.809   -7.743  1.00 22.83 ? 9   C45 A C4    1 
HETATM 166 C  C5    . C45 A 1 9  ? -0.738  3.787   -8.295  1.00 23.08 ? 9   C45 A C5    1 
HETATM 167 C  C6    . C45 A 1 9  ? -0.310  2.640   -8.839  1.00 22.62 ? 9   C45 A C6    1 
HETATM 168 O  O2    . C45 A 1 9  ? -3.124  0.580   -8.421  1.00 24.45 ? 9   C45 A O2    1 
HETATM 169 N  N4    . C45 A 1 9  ? -2.578  4.936   -7.094  1.00 23.36 ? 9   C45 A N4    1 
HETATM 170 C  "C1'" . C45 A 1 9  ? -0.598  0.248   -9.382  1.00 24.98 ? 9   C45 A "C1'" 1 
HETATM 171 C  "C2'" . C45 A 1 9  ? -0.239  0.252   -10.857 1.00 24.20 ? 9   C45 A "C2'" 1 
HETATM 172 C  CM2   . C45 A 1 9  ? -2.255  7.106   -6.443  1.00 27.74 ? 9   C45 A CM2   1 
HETATM 173 C  "C3'" . C45 A 1 9  ? 0.930   -0.719  -10.959 1.00 25.74 ? 9   C45 A "C3'" 1 
HETATM 174 C  "C4'" . C45 A 1 9  ? 1.468   -0.840  -9.533  1.00 25.92 ? 9   C45 A "C4'" 1 
HETATM 175 O  "O4'" . C45 A 1 9  ? 0.605   -0.040  -8.695  1.00 25.16 ? 9   C45 A "O4'" 1 
HETATM 176 O  "O3'" . C45 A 1 9  ? 0.521   -2.009  -11.422 1.00 26.52 ? 9   C45 A "O3'" 1 
HETATM 177 C  "C5'" . C45 A 1 9  ? 2.895   -0.370  -9.382  1.00 25.75 ? 9   C45 A "C5'" 1 
HETATM 178 O  "O5'" . C45 A 1 9  ? 3.042   0.919   -9.966  1.00 27.80 ? 9   C45 A "O5'" 1 
HETATM 179 P  P     . C45 A 1 9  ? 4.446   1.666   -9.932  1.00 29.26 ? 9   C45 A P     1 
HETATM 180 O  O1P   . C45 A 1 9  ? 5.448   0.816   -10.626 1.00 29.94 ? 9   C45 A O1P   1 
HETATM 181 O  O2P   . C45 A 1 9  ? 4.235   3.070   -10.372 1.00 30.39 ? 9   C45 A O2P   1 
HETATM 182 O  O     . C45 A 1 9  ? -1.664  6.041   -7.063  1.00 27.13 ? 9   C45 A O     1 
ATOM   183 P  P     . DG  A 1 10 ? 0.351   -2.274  -12.997 1.00 29.16 ? 10  DG  A P     1 
ATOM   184 O  OP1   . DG  A 1 10 ? 0.611   -3.718  -13.221 1.00 29.87 ? 10  DG  A OP1   1 
ATOM   185 O  OP2   . DG  A 1 10 ? 1.124   -1.254  -13.753 1.00 28.64 ? 10  DG  A OP2   1 
ATOM   186 O  "O5'" . DG  A 1 10 ? -1.194  -2.003  -13.257 1.00 28.18 ? 10  DG  A "O5'" 1 
ATOM   187 C  "C5'" . DG  A 1 10 ? -2.183  -2.774  -12.586 1.00 26.16 ? 10  DG  A "C5'" 1 
ATOM   188 C  "C4'" . DG  A 1 10 ? -3.536  -2.113  -12.708 1.00 26.29 ? 10  DG  A "C4'" 1 
ATOM   189 O  "O4'" . DG  A 1 10 ? -3.573  -0.882  -11.950 1.00 22.14 ? 10  DG  A "O4'" 1 
ATOM   190 C  "C3'" . DG  A 1 10 ? -3.953  -1.741  -14.134 1.00 26.65 ? 10  DG  A "C3'" 1 
ATOM   191 O  "O3'" . DG  A 1 10 ? -5.342  -2.025  -14.280 1.00 29.38 ? 10  DG  A "O3'" 1 
ATOM   192 C  "C2'" . DG  A 1 10 ? -3.785  -0.233  -14.154 1.00 23.93 ? 10  DG  A "C2'" 1 
ATOM   193 C  "C1'" . DG  A 1 10 ? -4.232  0.082   -12.745 1.00 23.71 ? 10  DG  A "C1'" 1 
ATOM   194 N  N9    . DG  A 1 10 ? -3.911  1.408   -12.228 1.00 20.43 ? 10  DG  A N9    1 
ATOM   195 C  C8    . DG  A 1 10 ? -2.817  2.192   -12.512 1.00 22.72 ? 10  DG  A C8    1 
ATOM   196 N  N7    . DG  A 1 10 ? -2.832  3.337   -11.879 1.00 22.36 ? 10  DG  A N7    1 
ATOM   197 C  C5    . DG  A 1 10 ? -4.006  3.301   -11.133 1.00 20.60 ? 10  DG  A C5    1 
ATOM   198 C  C6    . DG  A 1 10 ? -4.568  4.260   -10.243 1.00 22.15 ? 10  DG  A C6    1 
ATOM   199 O  O6    . DG  A 1 10 ? -4.122  5.366   -9.915  1.00 20.53 ? 10  DG  A O6    1 
ATOM   200 N  N1    . DG  A 1 10 ? -5.777  3.813   -9.710  1.00 18.87 ? 10  DG  A N1    1 
ATOM   201 C  C2    . DG  A 1 10 ? -6.361  2.602   -9.984  1.00 20.00 ? 10  DG  A C2    1 
ATOM   202 N  N2    . DG  A 1 10 ? -7.532  2.350   -9.378  1.00 18.53 ? 10  DG  A N2    1 
ATOM   203 N  N3    . DG  A 1 10 ? -5.839  1.701   -10.799 1.00 19.69 ? 10  DG  A N3    1 
ATOM   204 C  C4    . DG  A 1 10 ? -4.677  2.117   -11.338 1.00 20.96 ? 10  DG  A C4    1 
ATOM   205 P  P     . DC  A 1 11 ? -5.821  -3.201  -15.257 1.00 31.28 ? 11  DC  A P     1 
ATOM   206 O  OP1   . DC  A 1 11 ? -5.092  -4.435  -14.866 1.00 31.97 ? 11  DC  A OP1   1 
ATOM   207 O  OP2   . DC  A 1 11 ? -5.748  -2.713  -16.658 1.00 33.00 ? 11  DC  A OP2   1 
ATOM   208 O  "O5'" . DC  A 1 11 ? -7.348  -3.390  -14.856 1.00 30.78 ? 11  DC  A "O5'" 1 
ATOM   209 C  "C5'" . DC  A 1 11 ? -7.710  -3.828  -13.550 1.00 31.85 ? 11  DC  A "C5'" 1 
ATOM   210 C  "C4'" . DC  A 1 11 ? -8.886  -3.024  -13.050 1.00 32.70 ? 11  DC  A "C4'" 1 
ATOM   211 O  "O4'" . DC  A 1 11 ? -8.437  -1.699  -12.679 1.00 31.95 ? 11  DC  A "O4'" 1 
ATOM   212 C  "C3'" . DC  A 1 11 ? -9.969  -2.834  -14.114 1.00 33.14 ? 11  DC  A "C3'" 1 
ATOM   213 O  "O3'" . DC  A 1 11 ? -11.255 -3.200  -13.613 1.00 36.46 ? 11  DC  A "O3'" 1 
ATOM   214 C  "C2'" . DC  A 1 11 ? -9.915  -1.353  -14.449 1.00 32.70 ? 11  DC  A "C2'" 1 
ATOM   215 C  "C1'" . DC  A 1 11 ? -9.341  -0.732  -13.188 1.00 30.02 ? 11  DC  A "C1'" 1 
ATOM   216 N  N1    . DC  A 1 11 ? -8.585  0.506   -13.434 1.00 26.36 ? 11  DC  A N1    1 
ATOM   217 C  C2    . DC  A 1 11 ? -8.859  1.645   -12.660 1.00 23.86 ? 11  DC  A C2    1 
ATOM   218 O  O2    . DC  A 1 11 ? -9.750  1.587   -11.793 1.00 23.03 ? 11  DC  A O2    1 
ATOM   219 N  N3    . DC  A 1 11 ? -8.144  2.773   -12.878 1.00 22.98 ? 11  DC  A N3    1 
ATOM   220 C  C4    . DC  A 1 11 ? -7.196  2.790   -13.820 1.00 23.46 ? 11  DC  A C4    1 
ATOM   221 N  N4    . DC  A 1 11 ? -6.498  3.912   -13.991 1.00 25.36 ? 11  DC  A N4    1 
ATOM   222 C  C5    . DC  A 1 11 ? -6.913  1.653   -14.627 1.00 24.57 ? 11  DC  A C5    1 
ATOM   223 C  C6    . DC  A 1 11 ? -7.622  0.547   -14.403 1.00 24.67 ? 11  DC  A C6    1 
ATOM   224 P  P     . DG  A 1 12 ? -12.445 -3.531  -14.647 1.00 37.31 ? 12  DG  A P     1 
ATOM   225 O  OP1   . DG  A 1 12 ? -13.007 -4.854  -14.269 1.00 37.89 ? 12  DG  A OP1   1 
ATOM   226 O  OP2   . DG  A 1 12 ? -11.956 -3.306  -16.035 1.00 37.30 ? 12  DG  A OP2   1 
ATOM   227 O  "O5'" . DG  A 1 12 ? -13.541 -2.416  -14.343 1.00 35.08 ? 12  DG  A "O5'" 1 
ATOM   228 C  "C5'" . DG  A 1 12 ? -14.204 -2.356  -13.081 1.00 31.21 ? 12  DG  A "C5'" 1 
ATOM   229 C  "C4'" . DG  A 1 12 ? -14.727 -0.959  -12.839 1.00 28.63 ? 12  DG  A "C4'" 1 
ATOM   230 O  "O4'" . DG  A 1 12 ? -13.625 -0.048  -12.647 1.00 24.72 ? 12  DG  A "O4'" 1 
ATOM   231 C  "C3'" . DG  A 1 12 ? -15.504 -0.372  -14.010 1.00 27.92 ? 12  DG  A "C3'" 1 
ATOM   232 O  "O3'" . DG  A 1 12 ? -16.860 -0.836  -14.023 1.00 29.91 ? 12  DG  A "O3'" 1 
ATOM   233 C  "C2'" . DG  A 1 12 ? -15.369 1.118   -13.777 1.00 25.40 ? 12  DG  A "C2'" 1 
ATOM   234 C  "C1'" . DG  A 1 12 ? -13.989 1.243   -13.129 1.00 25.00 ? 12  DG  A "C1'" 1 
ATOM   235 N  N9    . DG  A 1 12 ? -12.937 1.693   -14.032 1.00 20.72 ? 12  DG  A N9    1 
ATOM   236 C  C8    . DG  A 1 12 ? -12.280 0.956   -14.991 1.00 20.24 ? 12  DG  A C8    1 
ATOM   237 N  N7    . DG  A 1 12 ? -11.358 1.636   -15.616 1.00 20.59 ? 12  DG  A N7    1 
ATOM   238 C  C5    . DG  A 1 12 ? -11.411 2.899   -15.035 1.00 18.03 ? 12  DG  A C5    1 
ATOM   239 C  C6    . DG  A 1 12 ? -10.643 4.065   -15.291 1.00 22.31 ? 12  DG  A C6    1 
ATOM   240 O  O6    . DG  A 1 12 ? -9.711  4.217   -16.095 1.00 21.53 ? 12  DG  A O6    1 
ATOM   241 N  N1    . DG  A 1 12 ? -11.048 5.128   -14.489 1.00 18.81 ? 12  DG  A N1    1 
ATOM   242 C  C2    . DG  A 1 12 ? -12.054 5.077   -13.558 1.00 20.52 ? 12  DG  A C2    1 
ATOM   243 N  N2    . DG  A 1 12 ? -12.310 6.217   -12.897 1.00 17.72 ? 12  DG  A N2    1 
ATOM   244 N  N3    . DG  A 1 12 ? -12.765 3.993   -13.300 1.00 17.21 ? 12  DG  A N3    1 
ATOM   245 C  C4    . DG  A 1 12 ? -12.393 2.951   -14.070 1.00 20.43 ? 12  DG  A C4    1 
ATOM   246 O  "O5'" . DC  B 1 1  ? -7.708  13.653  -15.359 1.00 30.06 ? 13  DC  B "O5'" 1 
ATOM   247 C  "C5'" . DC  B 1 1  ? -8.908  14.152  -14.766 1.00 28.18 ? 13  DC  B "C5'" 1 
ATOM   248 C  "C4'" . DC  B 1 1  ? -9.427  13.216  -13.700 1.00 27.89 ? 13  DC  B "C4'" 1 
ATOM   249 O  "O4'" . DC  B 1 1  ? -9.874  11.978  -14.304 1.00 24.97 ? 13  DC  B "O4'" 1 
ATOM   250 C  "C3'" . DC  B 1 1  ? -8.379  12.806  -12.666 1.00 28.26 ? 13  DC  B "C3'" 1 
ATOM   251 O  "O3'" . DC  B 1 1  ? -9.040  12.553  -11.430 1.00 29.13 ? 13  DC  B "O3'" 1 
ATOM   252 C  "C2'" . DC  B 1 1  ? -7.869  11.490  -13.222 1.00 28.48 ? 13  DC  B "C2'" 1 
ATOM   253 C  "C1'" . DC  B 1 1  ? -9.175  10.895  -13.709 1.00 26.87 ? 13  DC  B "C1'" 1 
ATOM   254 N  N1    . DC  B 1 1  ? -9.059  9.825   -14.710 1.00 27.43 ? 13  DC  B N1    1 
ATOM   255 C  C2    . DC  B 1 1  ? -9.683  8.602   -14.452 1.00 28.87 ? 13  DC  B C2    1 
ATOM   256 O  O2    . DC  B 1 1  ? -10.300 8.460   -13.379 1.00 23.42 ? 13  DC  B O2    1 
ATOM   257 N  N3    . DC  B 1 1  ? -9.604  7.610   -15.373 1.00 28.40 ? 13  DC  B N3    1 
ATOM   258 C  C4    . DC  B 1 1  ? -8.934  7.809   -16.513 1.00 29.93 ? 13  DC  B C4    1 
ATOM   259 N  N4    . DC  B 1 1  ? -8.889  6.805   -17.397 1.00 29.26 ? 13  DC  B N4    1 
ATOM   260 C  C5    . DC  B 1 1  ? -8.280  9.044   -16.798 1.00 28.65 ? 13  DC  B C5    1 
ATOM   261 C  C6    . DC  B 1 1  ? -8.366  10.016  -15.874 1.00 27.90 ? 13  DC  B C6    1 
ATOM   262 P  P     . DG  B 1 2  ? -8.700  13.448  -10.143 1.00 30.05 ? 14  DG  B P     1 
ATOM   263 O  OP1   . DG  B 1 2  ? -9.168  14.832  -10.424 1.00 28.50 ? 14  DG  B OP1   1 
ATOM   264 O  OP2   . DG  B 1 2  ? -7.285  13.208  -9.765  1.00 31.17 ? 14  DG  B OP2   1 
ATOM   265 O  "O5'" . DG  B 1 2  ? -9.631  12.830  -9.009  1.00 28.11 ? 14  DG  B "O5'" 1 
ATOM   266 C  "C5'" . DG  B 1 2  ? -11.052 12.824  -9.145  1.00 26.78 ? 14  DG  B "C5'" 1 
ATOM   267 C  "C4'" . DG  B 1 2  ? -11.587 11.423  -8.954  1.00 25.49 ? 14  DG  B "C4'" 1 
ATOM   268 O  "O4'" . DG  B 1 2  ? -11.138 10.594  -10.045 1.00 25.38 ? 14  DG  B "O4'" 1 
ATOM   269 C  "C3'" . DG  B 1 2  ? -11.093 10.716  -7.693  1.00 25.68 ? 14  DG  B "C3'" 1 
ATOM   270 O  "O3'" . DG  B 1 2  ? -12.013 10.927  -6.620  1.00 23.63 ? 14  DG  B "O3'" 1 
ATOM   271 C  "C2'" . DG  B 1 2  ? -11.107 9.249   -8.085  1.00 26.19 ? 14  DG  B "C2'" 1 
ATOM   272 C  "C1'" . DG  B 1 2  ? -11.027 9.248   -9.605  1.00 26.60 ? 14  DG  B "C1'" 1 
ATOM   273 N  N9    . DG  B 1 2  ? -9.781  8.707   -10.131 1.00 28.13 ? 14  DG  B N9    1 
ATOM   274 C  C8    . DG  B 1 2  ? -8.620  9.395   -10.391 1.00 27.58 ? 14  DG  B C8    1 
ATOM   275 N  N7    . DG  B 1 2  ? -7.689  8.643   -10.914 1.00 27.08 ? 14  DG  B N7    1 
ATOM   276 C  C5    . DG  B 1 2  ? -8.270  7.385   -10.993 1.00 24.27 ? 14  DG  B C5    1 
ATOM   277 C  C6    . DG  B 1 2  ? -7.754  6.171   -11.497 1.00 23.26 ? 14  DG  B C6    1 
ATOM   278 O  O6    . DG  B 1 2  ? -6.653  5.965   -12.017 1.00 21.85 ? 14  DG  B O6    1 
ATOM   279 N  N1    . DG  B 1 2  ? -8.672  5.132   -11.367 1.00 21.10 ? 14  DG  B N1    1 
ATOM   280 C  C2    . DG  B 1 2  ? -9.934  5.254   -10.836 1.00 20.68 ? 14  DG  B C2    1 
ATOM   281 N  N2    . DG  B 1 2  ? -10.678 4.135   -10.793 1.00 20.47 ? 14  DG  B N2    1 
ATOM   282 N  N3    . DG  B 1 2  ? -10.431 6.388   -10.381 1.00 23.60 ? 14  DG  B N3    1 
ATOM   283 C  C4    . DG  B 1 2  ? -9.552  7.404   -10.490 1.00 24.99 ? 14  DG  B C4    1 
ATOM   284 P  P     . DC  B 1 3  ? -11.570 10.607  -5.106  1.00 24.23 ? 15  DC  B P     1 
ATOM   285 O  OP1   . DC  B 1 3  ? -12.639 11.111  -4.216  1.00 25.86 ? 15  DC  B OP1   1 
ATOM   286 O  OP2   . DC  B 1 3  ? -10.169 11.069  -4.905  1.00 23.74 ? 15  DC  B OP2   1 
ATOM   287 O  "O5'" . DC  B 1 3  ? -11.564 9.016   -5.017  1.00 23.62 ? 15  DC  B "O5'" 1 
ATOM   288 C  "C5'" . DC  B 1 3  ? -12.757 8.258   -5.209  1.00 22.50 ? 15  DC  B "C5'" 1 
ATOM   289 C  "C4'" . DC  B 1 3  ? -12.416 6.797   -5.391  1.00 22.08 ? 15  DC  B "C4'" 1 
ATOM   290 O  "O4'" . DC  B 1 3  ? -11.572 6.668   -6.550  1.00 22.04 ? 15  DC  B "O4'" 1 
ATOM   291 C  "C3'" . DC  B 1 3  ? -11.608 6.184   -4.250  1.00 23.35 ? 15  DC  B "C3'" 1 
ATOM   292 O  "O3'" . DC  B 1 3  ? -12.492 5.588   -3.304  1.00 24.09 ? 15  DC  B "O3'" 1 
ATOM   293 C  "C2'" . DC  B 1 3  ? -10.796 5.101   -4.938  1.00 23.36 ? 15  DC  B "C2'" 1 
ATOM   294 C  "C1'" . DC  B 1 3  ? -10.684 5.568   -6.386  1.00 22.22 ? 15  DC  B "C1'" 1 
ATOM   295 N  N1    . DC  B 1 3  ? -9.338  6.013   -6.778  1.00 23.30 ? 15  DC  B N1    1 
ATOM   296 C  C2    . DC  B 1 3  ? -8.538  5.140   -7.514  1.00 20.65 ? 15  DC  B C2    1 
ATOM   297 O  O2    . DC  B 1 3  ? -8.975  4.017   -7.777  1.00 20.49 ? 15  DC  B O2    1 
ATOM   298 N  N3    . DC  B 1 3  ? -7.310  5.540   -7.915  1.00 22.06 ? 15  DC  B N3    1 
ATOM   299 C  C4    . DC  B 1 3  ? -6.871  6.759   -7.595  1.00 23.23 ? 15  DC  B C4    1 
ATOM   300 N  N4    . DC  B 1 3  ? -5.659  7.123   -8.030  1.00 24.64 ? 15  DC  B N4    1 
ATOM   301 C  C5    . DC  B 1 3  ? -7.657  7.664   -6.821  1.00 24.48 ? 15  DC  B C5    1 
ATOM   302 C  C6    . DC  B 1 3  ? -8.875  7.254   -6.440  1.00 22.78 ? 15  DC  B C6    1 
ATOM   303 P  P     . DG  B 1 4  ? -11.908 4.973   -1.939  1.00 25.52 ? 16  DG  B P     1 
ATOM   304 O  OP1   . DG  B 1 4  ? -13.046 4.956   -0.992  1.00 25.14 ? 16  DG  B OP1   1 
ATOM   305 O  OP2   . DG  B 1 4  ? -10.657 5.693   -1.579  1.00 24.73 ? 16  DG  B OP2   1 
ATOM   306 O  "O5'" . DG  B 1 4  ? -11.540 3.466   -2.311  1.00 24.63 ? 16  DG  B "O5'" 1 
ATOM   307 C  "C5'" . DG  B 1 4  ? -12.519 2.611   -2.897  1.00 23.96 ? 16  DG  B "C5'" 1 
ATOM   308 C  "C4'" . DG  B 1 4  ? -11.895 1.307   -3.336  1.00 24.76 ? 16  DG  B "C4'" 1 
ATOM   309 O  "O4'" . DG  B 1 4  ? -10.818 1.583   -4.259  1.00 22.51 ? 16  DG  B "O4'" 1 
ATOM   310 C  "C3'" . DG  B 1 4  ? -11.286 0.443   -2.231  1.00 25.30 ? 16  DG  B "C3'" 1 
ATOM   311 O  "O3'" . DG  B 1 4  ? -11.484 -0.933  -2.586  1.00 28.23 ? 16  DG  B "O3'" 1 
ATOM   312 C  "C2'" . DG  B 1 4  ? -9.820  0.828   -2.264  1.00 24.29 ? 16  DG  B "C2'" 1 
ATOM   313 C  "C1'" . DG  B 1 4  ? -9.585  1.092   -3.744  1.00 23.45 ? 16  DG  B "C1'" 1 
ATOM   314 N  N9    . DG  B 1 4  ? -8.548  2.086   -4.017  1.00 22.55 ? 16  DG  B N9    1 
ATOM   315 C  C8    . DG  B 1 4  ? -8.359  3.285   -3.370  1.00 23.80 ? 16  DG  B C8    1 
ATOM   316 N  N7    . DG  B 1 4  ? -7.341  3.962   -3.829  1.00 23.39 ? 16  DG  B N7    1 
ATOM   317 C  C5    . DG  B 1 4  ? -6.824  3.164   -4.840  1.00 21.82 ? 16  DG  B C5    1 
ATOM   318 C  C6    . DG  B 1 4  ? -5.706  3.371   -5.694  1.00 22.87 ? 16  DG  B C6    1 
ATOM   319 O  O6    . DG  B 1 4  ? -4.929  4.340   -5.731  1.00 22.27 ? 16  DG  B O6    1 
ATOM   320 N  N1    . DG  B 1 4  ? -5.530  2.305   -6.571  1.00 21.95 ? 16  DG  B N1    1 
ATOM   321 C  C2    . DG  B 1 4  ? -6.327  1.184   -6.623  1.00 21.48 ? 16  DG  B C2    1 
ATOM   322 N  N2    . DG  B 1 4  ? -6.001  0.267   -7.542  1.00 21.16 ? 16  DG  B N2    1 
ATOM   323 N  N3    . DG  B 1 4  ? -7.370  0.979   -5.833  1.00 21.38 ? 16  DG  B N3    1 
ATOM   324 C  C4    . DG  B 1 4  ? -7.559  2.002   -4.971  1.00 21.15 ? 16  DG  B C4    1 
ATOM   325 P  P     . DA  B 1 5  ? -10.625 -2.094  -1.878  1.00 29.58 ? 17  DA  B P     1 
ATOM   326 O  OP1   . DA  B 1 5  ? -11.521 -3.283  -1.834  1.00 30.81 ? 17  DA  B OP1   1 
ATOM   327 O  OP2   . DA  B 1 5  ? -10.010 -1.590  -0.624  1.00 29.64 ? 17  DA  B OP2   1 
ATOM   328 O  "O5'" . DA  B 1 5  ? -9.467  -2.394  -2.931  1.00 29.59 ? 17  DA  B "O5'" 1 
ATOM   329 C  "C5'" . DA  B 1 5  ? -9.779  -2.576  -4.313  1.00 28.00 ? 17  DA  B "C5'" 1 
ATOM   330 C  "C4'" . DA  B 1 5  ? -8.606  -3.181  -5.048  1.00 27.63 ? 17  DA  B "C4'" 1 
ATOM   331 O  "O4'" . DA  B 1 5  ? -7.567  -2.197  -5.259  1.00 25.95 ? 17  DA  B "O4'" 1 
ATOM   332 C  "C3'" . DA  B 1 5  ? -7.929  -4.358  -4.357  1.00 27.00 ? 17  DA  B "C3'" 1 
ATOM   333 O  "O3'" . DA  B 1 5  ? -7.477  -5.278  -5.351  1.00 28.04 ? 17  DA  B "O3'" 1 
ATOM   334 C  "C2'" . DA  B 1 5  ? -6.763  -3.709  -3.630  1.00 26.33 ? 17  DA  B "C2'" 1 
ATOM   335 C  "C1'" . DA  B 1 5  ? -6.393  -2.537  -4.531  1.00 24.62 ? 17  DA  B "C1'" 1 
ATOM   336 N  N9    . DA  B 1 5  ? -5.964  -1.329  -3.825  1.00 22.01 ? 17  DA  B N9    1 
ATOM   337 C  C8    . DA  B 1 5  ? -6.597  -0.702  -2.781  1.00 18.51 ? 17  DA  B C8    1 
ATOM   338 N  N7    . DA  B 1 5  ? -6.016  0.412   -2.403  1.00 17.75 ? 17  DA  B N7    1 
ATOM   339 C  C5    . DA  B 1 5  ? -4.918  0.515   -3.246  1.00 17.55 ? 17  DA  B C5    1 
ATOM   340 C  C6    . DA  B 1 5  ? -3.915  1.486   -3.371  1.00 16.52 ? 17  DA  B C6    1 
ATOM   341 N  N6    . DA  B 1 5  ? -3.861  2.587   -2.619  1.00 16.77 ? 17  DA  B N6    1 
ATOM   342 N  N1    . DA  B 1 5  ? -2.963  1.291   -4.310  1.00 16.45 ? 17  DA  B N1    1 
ATOM   343 C  C2    . DA  B 1 5  ? -3.027  0.194   -5.067  1.00 17.82 ? 17  DA  B C2    1 
ATOM   344 N  N3    . DA  B 1 5  ? -3.927  -0.791  -5.051  1.00 18.70 ? 17  DA  B N3    1 
ATOM   345 C  C4    . DA  B 1 5  ? -4.857  -0.564  -4.111  1.00 18.20 ? 17  DA  B C4    1 
ATOM   346 P  P     . DA  B 1 6  ? -6.757  -6.642  -4.908  1.00 30.00 ? 18  DA  B P     1 
ATOM   347 O  OP1   . DA  B 1 6  ? -7.049  -7.644  -5.961  1.00 30.52 ? 18  DA  B OP1   1 
ATOM   348 O  OP2   . DA  B 1 6  ? -7.101  -6.937  -3.489  1.00 29.74 ? 18  DA  B OP2   1 
ATOM   349 O  "O5'" . DA  B 1 6  ? -5.205  -6.291  -4.985  1.00 27.02 ? 18  DA  B "O5'" 1 
ATOM   350 C  "C5'" . DA  B 1 6  ? -4.604  -5.945  -6.229  1.00 25.35 ? 18  DA  B "C5'" 1 
ATOM   351 C  "C4'" . DA  B 1 6  ? -3.187  -5.469  -6.010  1.00 24.45 ? 18  DA  B "C4'" 1 
ATOM   352 O  "O4'" . DA  B 1 6  ? -3.206  -4.244  -5.251  1.00 22.77 ? 18  DA  B "O4'" 1 
ATOM   353 C  "C3'" . DA  B 1 6  ? -2.286  -6.440  -5.242  1.00 24.58 ? 18  DA  B "C3'" 1 
ATOM   354 O  "O3'" . DA  B 1 6  ? -1.235  -6.847  -6.120  1.00 25.89 ? 18  DA  B "O3'" 1 
ATOM   355 C  "C2'" . DA  B 1 6  ? -1.781  -5.640  -4.044  1.00 22.77 ? 18  DA  B "C2'" 1 
ATOM   356 C  "C1'" . DA  B 1 6  ? -2.061  -4.197  -4.424  1.00 21.65 ? 18  DA  B "C1'" 1 
ATOM   357 N  N9    . DA  B 1 6  ? -2.359  -3.287  -3.315  1.00 18.32 ? 18  DA  B N9    1 
ATOM   358 C  C8    . DA  B 1 6  ? -3.379  -3.366  -2.397  1.00 19.58 ? 18  DA  B C8    1 
ATOM   359 N  N7    . DA  B 1 6  ? -3.428  -2.346  -1.570  1.00 16.65 ? 18  DA  B N7    1 
ATOM   360 C  C5    . DA  B 1 6  ? -2.358  -1.550  -1.959  1.00 17.01 ? 18  DA  B C5    1 
ATOM   361 C  C6    . DA  B 1 6  ? -1.871  -0.309  -1.489  1.00 15.50 ? 18  DA  B C6    1 
ATOM   362 N  N6    . DA  B 1 6  ? -2.440  0.389   -0.505  1.00 13.82 ? 18  DA  B N6    1 
ATOM   363 N  N1    . DA  B 1 6  ? -0.770  0.198   -2.086  1.00 16.33 ? 18  DA  B N1    1 
ATOM   364 C  C2    . DA  B 1 6  ? -0.213  -0.486  -3.095  1.00 18.29 ? 18  DA  B C2    1 
ATOM   365 N  N3    . DA  B 1 6  ? -0.588  -1.646  -3.637  1.00 18.00 ? 18  DA  B N3    1 
ATOM   366 C  C4    . DA  B 1 6  ? -1.678  -2.131  -3.017  1.00 18.99 ? 18  DA  B C4    1 
ATOM   367 P  P     . DT  B 1 7  ? -0.112  -7.870  -5.615  1.00 27.44 ? 19  DT  B P     1 
ATOM   368 O  OP1   . DT  B 1 7  ? 0.414   -8.541  -6.826  1.00 27.34 ? 19  DT  B OP1   1 
ATOM   369 O  OP2   . DT  B 1 7  ? -0.611  -8.684  -4.479  1.00 24.16 ? 19  DT  B OP2   1 
ATOM   370 O  "O5'" . DT  B 1 7  ? 1.024   -6.908  -5.051  1.00 23.81 ? 19  DT  B "O5'" 1 
ATOM   371 C  "C5'" . DT  B 1 7  ? 1.522   -5.832  -5.838  1.00 22.26 ? 19  DT  B "C5'" 1 
ATOM   372 C  "C4'" . DT  B 1 7  ? 2.420   -4.950  -5.002  1.00 23.28 ? 19  DT  B "C4'" 1 
ATOM   373 O  "O4'" . DT  B 1 7  ? 1.634   -4.240  -4.031  1.00 21.52 ? 19  DT  B "O4'" 1 
ATOM   374 C  "C3'" . DT  B 1 7  ? 3.514   -5.668  -4.206  1.00 23.06 ? 19  DT  B "C3'" 1 
ATOM   375 O  "O3'" . DT  B 1 7  ? 4.770   -5.433  -4.844  1.00 25.08 ? 19  DT  B "O3'" 1 
ATOM   376 C  "C2'" . DT  B 1 7  ? 3.450   -5.047  -2.814  1.00 22.89 ? 19  DT  B "C2'" 1 
ATOM   377 C  "C1'" . DT  B 1 7  ? 2.496   -3.870  -2.978  1.00 20.49 ? 19  DT  B "C1'" 1 
ATOM   378 N  N1    . DT  B 1 7  ? 1.644   -3.551  -1.816  1.00 18.49 ? 19  DT  B N1    1 
ATOM   379 C  C2    . DT  B 1 7  ? 1.810   -2.335  -1.188  1.00 16.85 ? 19  DT  B C2    1 
ATOM   380 O  O2    . DT  B 1 7  ? 2.688   -1.540  -1.492  1.00 18.84 ? 19  DT  B O2    1 
ATOM   381 N  N3    . DT  B 1 7  ? 0.911   -2.086  -0.182  1.00 17.35 ? 19  DT  B N3    1 
ATOM   382 C  C4    . DT  B 1 7  ? -0.105  -2.920  0.255   1.00 16.58 ? 19  DT  B C4    1 
ATOM   383 O  O4    . DT  B 1 7  ? -0.861  -2.551  1.157   1.00 16.10 ? 19  DT  B O4    1 
ATOM   384 C  C5    . DT  B 1 7  ? -0.192  -4.191  -0.421  1.00 18.30 ? 19  DT  B C5    1 
ATOM   385 C  C7    . DT  B 1 7  ? -1.246  -5.166  0.002   1.00 17.98 ? 19  DT  B C7    1 
ATOM   386 C  C6    . DT  B 1 7  ? 0.679   -4.443  -1.405  1.00 16.69 ? 19  DT  B C6    1 
ATOM   387 P  P     . DT  B 1 8  ? 6.142   -5.872  -4.129  1.00 24.91 ? 20  DT  B P     1 
ATOM   388 O  OP1   . DT  B 1 8  ? 7.136   -5.970  -5.226  1.00 24.65 ? 20  DT  B OP1   1 
ATOM   389 O  OP2   . DT  B 1 8  ? 5.925   -7.028  -3.222  1.00 23.00 ? 20  DT  B OP2   1 
ATOM   390 O  "O5'" . DT  B 1 8  ? 6.548   -4.615  -3.243  1.00 22.39 ? 20  DT  B "O5'" 1 
ATOM   391 C  "C5'" . DT  B 1 8  ? 6.625   -3.321  -3.819  1.00 20.74 ? 20  DT  B "C5'" 1 
ATOM   392 C  "C4'" . DT  B 1 8  ? 6.937   -2.293  -2.757  1.00 19.91 ? 20  DT  B "C4'" 1 
ATOM   393 O  "O4'" . DT  B 1 8  ? 5.856   -2.211  -1.798  1.00 17.79 ? 20  DT  B "O4'" 1 
ATOM   394 C  "C3'" . DT  B 1 8  ? 8.211   -2.543  -1.947  1.00 19.57 ? 20  DT  B "C3'" 1 
ATOM   395 O  "O3'" . DT  B 1 8  ? 8.939   -1.310  -1.902  1.00 20.82 ? 20  DT  B "O3'" 1 
ATOM   396 C  "C2'" . DT  B 1 8  ? 7.699   -2.959  -0.575  1.00 19.30 ? 20  DT  B "C2'" 1 
ATOM   397 C  "C1'" . DT  B 1 8  ? 6.386   -2.195  -0.482  1.00 17.17 ? 20  DT  B "C1'" 1 
ATOM   398 N  N1    . DT  B 1 8  ? 5.334   -2.731  0.413   1.00 14.59 ? 20  DT  B N1    1 
ATOM   399 C  C2    . DT  B 1 8  ? 4.803   -1.883  1.367   1.00 14.67 ? 20  DT  B C2    1 
ATOM   400 O  O2    . DT  B 1 8  ? 5.249   -0.765  1.600   1.00 13.99 ? 20  DT  B O2    1 
ATOM   401 N  N3    . DT  B 1 8  ? 3.726   -2.396  2.048   1.00 16.50 ? 20  DT  B N3    1 
ATOM   402 C  C4    . DT  B 1 8  ? 3.154   -3.646  1.890   1.00 15.10 ? 20  DT  B C4    1 
ATOM   403 O  O4    . DT  B 1 8  ? 2.143   -3.944  2.519   1.00 15.77 ? 20  DT  B O4    1 
ATOM   404 C  C5    . DT  B 1 8  ? 3.813   -4.509  0.942   1.00 16.21 ? 20  DT  B C5    1 
ATOM   405 C  C7    . DT  B 1 8  ? 3.302   -5.905  0.763   1.00 18.75 ? 20  DT  B C7    1 
ATOM   406 C  C6    . DT  B 1 8  ? 4.858   -4.020  0.260   1.00 15.30 ? 20  DT  B C6    1 
HETATM 407 N  N1    . C45 B 1 9  ? 7.548   -2.398  3.729   1.00 19.01 ? 21  C45 B N1    1 
HETATM 408 C  C2    . C45 B 1 9  ? 6.430   -2.582  4.549   1.00 21.17 ? 21  C45 B C2    1 
HETATM 409 N  N3    . C45 B 1 9  ? 5.776   -3.769  4.521   1.00 19.20 ? 21  C45 B N3    1 
HETATM 410 C  C4    . C45 B 1 9  ? 6.212   -4.770  3.740   1.00 23.16 ? 21  C45 B C4    1 
HETATM 411 C  C5    . C45 B 1 9  ? 7.383   -4.607  2.935   1.00 22.95 ? 21  C45 B C5    1 
HETATM 412 C  C6    . C45 B 1 9  ? 8.012   -3.427  2.964   1.00 21.26 ? 21  C45 B C6    1 
HETATM 413 O  O2    . C45 B 1 9  ? 6.068   -1.654  5.286   1.00 20.01 ? 21  C45 B O2    1 
HETATM 414 N  N4    . C45 B 1 9  ? 5.562   -5.912  3.698   1.00 22.98 ? 21  C45 B N4    1 
HETATM 415 C  "C1'" . C45 B 1 9  ? 8.191   -1.071  3.666   1.00 20.79 ? 21  C45 B "C1'" 1 
HETATM 416 C  "C2'" . C45 B 1 9  ? 9.653   -1.003  4.131   1.00 20.98 ? 21  C45 B "C2'" 1 
HETATM 417 C  CM2   . C45 B 1 9  ? 3.801   -7.122  4.506   1.00 28.41 ? 21  C45 B CM2   1 
HETATM 418 C  "C3'" . C45 B 1 9  ? 10.390  -0.232  3.038   1.00 21.57 ? 21  C45 B "C3'" 1 
HETATM 419 C  "C4'" . C45 B 1 9  ? 9.279   0.231   2.099   1.00 21.77 ? 21  C45 B "C4'" 1 
HETATM 420 O  "O4'" . C45 B 1 9  ? 8.194   -0.687  2.305   1.00 19.66 ? 21  C45 B "O4'" 1 
HETATM 421 O  "O3'" . C45 B 1 9  ? 11.051  0.929   3.551   1.00 21.84 ? 21  C45 B "O3'" 1 
HETATM 422 C  "C5'" . C45 B 1 9  ? 9.651   0.277   0.637   1.00 21.49 ? 21  C45 B "C5'" 1 
HETATM 423 O  "O5'" . C45 B 1 9  ? 10.230  -0.963  0.226   1.00 22.32 ? 21  C45 B "O5'" 1 
HETATM 424 P  P     . C45 B 1 9  ? 10.434  -1.275  -1.324  1.00 22.31 ? 21  C45 B P     1 
HETATM 425 O  O1P   . C45 B 1 9  ? 11.088  -0.095  -1.948  1.00 23.66 ? 21  C45 B O1P   1 
HETATM 426 O  O2P   . C45 B 1 9  ? 11.046  -2.617  -1.457  1.00 23.04 ? 21  C45 B O2P   1 
HETATM 427 O  O     . C45 B 1 9  ? 4.441   -5.860  4.571   1.00 25.18 ? 21  C45 B O     1 
ATOM   428 P  P     . DG  B 1 10 ? 12.428  0.781   4.364   1.00 22.62 ? 22  DG  B P     1 
ATOM   429 O  OP1   . DG  B 1 10 ? 13.175  2.061   4.215   1.00 21.44 ? 22  DG  B OP1   1 
ATOM   430 O  OP2   . DG  B 1 10 ? 13.095  -0.501  4.029   1.00 22.07 ? 22  DG  B OP2   1 
ATOM   431 O  "O5'" . DG  B 1 10 ? 11.949  0.713   5.882   1.00 22.61 ? 22  DG  B "O5'" 1 
ATOM   432 C  "C5'" . DG  B 1 10 ? 11.085  1.711   6.411   1.00 22.86 ? 22  DG  B "C5'" 1 
ATOM   433 C  "C4'" . DG  B 1 10 ? 10.496  1.250   7.724   1.00 22.73 ? 22  DG  B "C4'" 1 
ATOM   434 O  "O4'" . DG  B 1 10 ? 9.554   0.170   7.512   1.00 21.61 ? 22  DG  B "O4'" 1 
ATOM   435 C  "C3'" . DG  B 1 10 ? 11.519  0.711   8.725   1.00 23.69 ? 22  DG  B "C3'" 1 
ATOM   436 O  "O3'" . DG  B 1 10 ? 11.095  1.084   10.032  1.00 26.69 ? 22  DG  B "O3'" 1 
ATOM   437 C  "C2'" . DG  B 1 10 ? 11.366  -0.791  8.584   1.00 22.39 ? 22  DG  B "C2'" 1 
ATOM   438 C  "C1'" . DG  B 1 10 ? 9.869   -0.866  8.418   1.00 20.19 ? 22  DG  B "C1'" 1 
ATOM   439 N  N9    . DG  B 1 10 ? 9.315   -2.115  7.907   1.00 16.64 ? 22  DG  B N9    1 
ATOM   440 C  C8    . DG  B 1 10 ? 9.878   -2.993  7.011   1.00 18.15 ? 22  DG  B C8    1 
ATOM   441 N  N7    . DG  B 1 10 ? 9.121   -4.031  6.770   1.00 17.52 ? 22  DG  B N7    1 
ATOM   442 C  C5    . DG  B 1 10 ? 7.991   -3.821  7.555   1.00 17.28 ? 22  DG  B C5    1 
ATOM   443 C  C6    . DG  B 1 10 ? 6.815   -4.607  7.714   1.00 15.06 ? 22  DG  B C6    1 
ATOM   444 O  O6    . DG  B 1 10 ? 6.532   -5.686  7.181   1.00 15.31 ? 22  DG  B O6    1 
ATOM   445 N  N1    . DG  B 1 10 ? 5.921   -4.015  8.601   1.00 13.44 ? 22  DG  B N1    1 
ATOM   446 C  C2    . DG  B 1 10 ? 6.126   -2.825  9.258   1.00 12.75 ? 22  DG  B C2    1 
ATOM   447 N  N2    . DG  B 1 10 ? 5.147   -2.417  10.083  1.00 13.59 ? 22  DG  B N2    1 
ATOM   448 N  N3    . DG  B 1 10 ? 7.214   -2.087  9.119   1.00 15.38 ? 22  DG  B N3    1 
ATOM   449 C  C4    . DG  B 1 10 ? 8.095   -2.642  8.257   1.00 15.83 ? 22  DG  B C4    1 
ATOM   450 P  P     . DC  B 1 11 ? 12.086  1.898   10.987  1.00 29.20 ? 23  DC  B P     1 
ATOM   451 O  OP1   . DC  B 1 11 ? 12.403  3.170   10.291  1.00 30.09 ? 23  DC  B OP1   1 
ATOM   452 O  OP2   . DC  B 1 11 ? 13.185  0.989   11.400  1.00 29.18 ? 23  DC  B OP2   1 
ATOM   453 O  "O5'" . DC  B 1 11 ? 11.177  2.234   12.249  1.00 28.73 ? 23  DC  B "O5'" 1 
ATOM   454 C  "C5'" . DC  B 1 11 ? 9.994   3.017   12.102  1.00 29.27 ? 23  DC  B "C5'" 1 
ATOM   455 C  "C4'" . DC  B 1 11 ? 8.888   2.446   12.955  1.00 31.16 ? 23  DC  B "C4'" 1 
ATOM   456 O  "O4'" . DC  B 1 11 ? 8.416   1.213   12.369  1.00 28.68 ? 23  DC  B "O4'" 1 
ATOM   457 C  "C3'" . DC  B 1 11 ? 9.334   2.116   14.380  1.00 32.37 ? 23  DC  B "C3'" 1 
ATOM   458 O  "O3'" . DC  B 1 11 ? 8.496   2.760   15.334  1.00 36.57 ? 23  DC  B "O3'" 1 
ATOM   459 C  "C2'" . DC  B 1 11 ? 9.219   0.606   14.489  1.00 31.63 ? 23  DC  B "C2'" 1 
ATOM   460 C  "C1'" . DC  B 1 11 ? 8.290   0.208   13.357  1.00 27.50 ? 23  DC  B "C1'" 1 
ATOM   461 N  N1    . DC  B 1 11 ? 8.673   -1.066  12.733  1.00 22.33 ? 23  DC  B N1    1 
ATOM   462 C  C2    . DC  B 1 11 ? 7.728   -2.089  12.647  1.00 19.89 ? 23  DC  B C2    1 
ATOM   463 O  O2    . DC  B 1 11 ? 6.591   -1.903  13.118  1.00 17.66 ? 23  DC  B O2    1 
ATOM   464 N  N3    . DC  B 1 11 ? 8.071   -3.249  12.053  1.00 17.78 ? 23  DC  B N3    1 
ATOM   465 C  C4    . DC  B 1 11 ? 9.297   -3.408  11.552  1.00 18.32 ? 23  DC  B C4    1 
ATOM   466 N  N4    . DC  B 1 11 ? 9.581   -4.561  10.945  1.00 19.75 ? 23  DC  B N4    1 
ATOM   467 C  C5    . DC  B 1 11 ? 10.285  -2.388  11.643  1.00 19.28 ? 23  DC  B C5    1 
ATOM   468 C  C6    . DC  B 1 11 ? 9.934   -1.244  12.235  1.00 20.83 ? 23  DC  B C6    1 
ATOM   469 P  P     . DG  B 1 12 ? 8.966   2.844   16.867  1.00 38.28 ? 24  DG  B P     1 
ATOM   470 O  OP1   . DG  B 1 12 ? 8.443   4.127   17.399  1.00 39.91 ? 24  DG  B OP1   1 
ATOM   471 O  OP2   . DG  B 1 12 ? 10.423  2.549   16.951  1.00 37.71 ? 24  DG  B OP2   1 
ATOM   472 O  "O5'" . DG  B 1 12 ? 8.190   1.644   17.566  1.00 36.59 ? 24  DG  B "O5'" 1 
ATOM   473 C  "C5'" . DG  B 1 12 ? 6.792   1.730   17.832  1.00 34.81 ? 24  DG  B "C5'" 1 
ATOM   474 C  "C4'" . DG  B 1 12 ? 6.270   0.387   18.282  1.00 32.38 ? 24  DG  B "C4'" 1 
ATOM   475 O  "O4'" . DG  B 1 12 ? 6.254   -0.541  17.178  1.00 30.50 ? 24  DG  B "O4'" 1 
ATOM   476 C  "C3'" . DG  B 1 12 ? 7.134   -0.294  19.334  1.00 31.76 ? 24  DG  B "C3'" 1 
ATOM   477 O  "O3'" . DG  B 1 12 ? 6.943   0.258   20.640  1.00 33.01 ? 24  DG  B "O3'" 1 
ATOM   478 C  "C2'" . DG  B 1 12 ? 6.735   -1.748  19.177  1.00 30.53 ? 24  DG  B "C2'" 1 
ATOM   479 C  "C1'" . DG  B 1 12 ? 6.477   -1.860  17.674  1.00 26.03 ? 24  DG  B "C1'" 1 
ATOM   480 N  N9    . DG  B 1 12 ? 7.574   -2.446  16.912  1.00 22.10 ? 24  DG  B N9    1 
ATOM   481 C  C8    . DG  B 1 12 ? 8.798   -1.886  16.626  1.00 20.76 ? 24  DG  B C8    1 
ATOM   482 N  N7    . DG  B 1 12 ? 9.554   -2.656  15.888  1.00 20.71 ? 24  DG  B N7    1 
ATOM   483 C  C5    . DG  B 1 12 ? 8.782   -3.795  15.685  1.00 19.38 ? 24  DG  B C5    1 
ATOM   484 C  C6    . DG  B 1 12 ? 9.060   -4.977  14.954  1.00 18.00 ? 24  DG  B C6    1 
ATOM   485 O  O6    . DG  B 1 12 ? 10.081  -5.265  14.311  1.00 15.86 ? 24  DG  B O6    1 
ATOM   486 N  N1    . DG  B 1 12 ? 7.998   -5.876  15.013  1.00 17.47 ? 24  DG  B N1    1 
ATOM   487 C  C2    . DG  B 1 12 ? 6.821   -5.666  15.689  1.00 19.50 ? 24  DG  B C2    1 
ATOM   488 N  N2    . DG  B 1 12 ? 5.920   -6.662  15.644  1.00 18.05 ? 24  DG  B N2    1 
ATOM   489 N  N3    . DG  B 1 12 ? 6.547   -4.564  16.365  1.00 18.89 ? 24  DG  B N3    1 
ATOM   490 C  C4    . DG  B 1 12 ? 7.564   -3.680  16.321  1.00 19.57 ? 24  DG  B C4    1 
HETATM 491 MG MG    . MG  C 2 .  ? 8.604   -9.392  7.517   1.00 19.14 ? 105 MG  A MG    1 
HETATM 492 O  O     . HOH D 3 .  ? 9.798   -10.682 8.620   1.00 17.26 ? 106 HOH A O     1 
HETATM 493 O  O     . HOH D 3 .  ? 6.945   -10.009 8.572   1.00 18.21 ? 107 HOH A O     1 
HETATM 494 O  O     . HOH D 3 .  ? 8.928   -7.887  8.880   1.00 15.74 ? 108 HOH A O     1 
HETATM 495 O  O     . HOH D 3 .  ? 7.259   10.615  3.148   1.00 19.58 ? 109 HOH A O     1 
HETATM 496 O  O     . HOH D 3 .  ? 0.890   -1.621  -6.076  1.00 20.46 ? 110 HOH A O     1 
HETATM 497 O  O     . HOH D 3 .  ? 5.838   2.610   5.401   1.00 19.69 ? 111 HOH A O     1 
HETATM 498 O  O     . HOH D 3 .  ? 2.428   8.300   -0.161  1.00 21.37 ? 112 HOH A O     1 
HETATM 499 O  O     . HOH D 3 .  ? -2.596  6.858   -2.581  1.00 29.46 ? 113 HOH A O     1 
HETATM 500 O  O     . HOH D 3 .  ? 3.307   8.726   -4.972  1.00 35.73 ? 114 HOH A O     1 
HETATM 501 O  O     . HOH D 3 .  ? 11.585  -7.491  9.831   1.00 26.90 ? 115 HOH A O     1 
HETATM 502 O  O     . HOH D 3 .  ? -6.687  -1.156  -10.430 1.00 26.93 ? 116 HOH A O     1 
HETATM 503 O  O     . HOH D 3 .  ? -5.212  -9.804  14.599  1.00 38.65 ? 117 HOH A O     1 
HETATM 504 O  O     . HOH D 3 .  ? 10.012  -11.557 15.337  1.00 22.14 ? 118 HOH A O     1 
HETATM 505 O  O     . HOH D 3 .  ? 3.708   -9.994  6.847   1.00 22.63 ? 119 HOH A O     1 
HETATM 506 O  O     . HOH D 3 .  ? -2.124  3.391   4.548   1.00 26.85 ? 120 HOH A O     1 
HETATM 507 O  O     . HOH D 3 .  ? 1.175   -5.601  5.881   1.00 26.19 ? 121 HOH A O     1 
HETATM 508 O  O     . HOH D 3 .  ? 0.113   7.155   4.686   1.00 23.82 ? 122 HOH A O     1 
HETATM 509 O  O     . HOH D 3 .  ? 3.571   10.635  9.253   1.00 23.61 ? 123 HOH A O     1 
HETATM 510 O  O     . HOH D 3 .  ? -2.155  -1.308  5.614   1.00 48.09 ? 124 HOH A O     1 
HETATM 511 O  O     . HOH D 3 .  ? -0.390  -10.102 9.048   1.00 45.84 ? 125 HOH A O     1 
HETATM 512 O  O     . HOH D 3 .  ? 8.924   7.199   3.030   1.00 28.45 ? 126 HOH A O     1 
HETATM 513 O  O     . HOH D 3 .  ? 9.027   8.397   -0.560  1.00 37.97 ? 127 HOH A O     1 
HETATM 514 O  O     . HOH D 3 .  ? -0.637  0.987   -14.728 1.00 42.52 ? 128 HOH A O     1 
HETATM 515 O  O     . HOH D 3 .  ? -3.523  4.269   1.404   1.00 27.88 ? 129 HOH A O     1 
HETATM 516 O  O     . HOH D 3 .  ? 3.440   -12.665 10.060  1.00 26.16 ? 130 HOH A O     1 
HETATM 517 O  O     . HOH D 3 .  ? -3.030  1.093   3.480   1.00 41.17 ? 131 HOH A O     1 
HETATM 518 O  O     . HOH D 3 .  ? -3.796  -2.954  7.675   1.00 39.55 ? 132 HOH A O     1 
HETATM 519 O  O     . HOH D 3 .  ? -10.061 0.468   -17.823 1.00 32.50 ? 133 HOH A O     1 
HETATM 520 O  O     . HOH D 3 .  ? -2.957  -4.689  -16.869 1.00 43.70 ? 134 HOH A O     1 
HETATM 521 O  O     . HOH D 3 .  ? -4.088  3.772   -15.783 1.00 49.06 ? 135 HOH A O     1 
HETATM 522 O  O     . HOH D 3 .  ? 1.883   9.370   -2.925  1.00 24.25 ? 136 HOH A O     1 
HETATM 523 O  O     . HOH D 3 .  ? 0.552   9.308   2.779   1.00 23.25 ? 137 HOH A O     1 
HETATM 524 O  O     . HOH D 3 .  ? -5.355  -3.114  -9.283  1.00 27.15 ? 138 HOH A O     1 
HETATM 525 O  O     . HOH D 3 .  ? -8.093  3.143   -17.864 1.00 39.40 ? 139 HOH A O     1 
HETATM 526 O  O     . HOH D 3 .  ? 11.854  -9.952  14.431  1.00 37.78 ? 140 HOH A O     1 
HETATM 527 O  O     . HOH D 3 .  ? -2.925  7.466   -11.243 1.00 34.84 ? 141 HOH A O     1 
HETATM 528 O  O     . HOH D 3 .  ? -0.988  9.306   -3.436  1.00 39.28 ? 142 HOH A O     1 
HETATM 529 O  O     . HOH D 3 .  ? 8.579   6.890   5.573   1.00 30.16 ? 143 HOH A O     1 
HETATM 530 O  O     . HOH D 3 .  ? 9.556   4.086   -4.370  1.00 44.12 ? 144 HOH A O     1 
HETATM 531 O  O     . HOH D 3 .  ? -0.352  8.236   9.201   1.00 28.99 ? 145 HOH A O     1 
HETATM 532 O  O     . HOH D 3 .  ? -0.954  5.197   -12.156 1.00 42.89 ? 146 HOH A O     1 
HETATM 533 O  O     . HOH D 3 .  ? -5.552  2.427   5.065   1.00 52.59 ? 147 HOH A O     1 
HETATM 534 O  O     . HOH D 3 .  ? 3.433   -16.318 16.646  1.00 42.70 ? 148 HOH A O     1 
HETATM 535 O  O     . HOH D 3 .  ? 5.405   7.174   9.806   1.00 34.22 ? 149 HOH A O     1 
HETATM 536 O  O     . HOH D 3 .  ? 6.314   2.835   8.373   1.00 32.62 ? 150 HOH A O     1 
HETATM 537 O  O     . HOH D 3 .  ? 4.524   -0.956  -13.360 1.00 56.11 ? 151 HOH A O     1 
HETATM 538 O  O     . HOH D 3 .  ? 5.043   2.789   10.770  1.00 28.36 ? 152 HOH A O     1 
HETATM 539 O  O     . HOH D 3 .  ? -6.487  4.424   6.952   1.00 44.64 ? 153 HOH A O     1 
HETATM 540 O  O     . HOH D 3 .  ? -1.259  -2.044  -17.410 1.00 48.95 ? 154 HOH A O     1 
HETATM 541 O  O     . HOH D 3 .  ? -6.965  -1.254  11.764  1.00 43.53 ? 155 HOH A O     1 
HETATM 542 O  O     . HOH D 3 .  ? 5.082   -2.776  -11.478 1.00 55.92 ? 156 HOH A O     1 
HETATM 543 O  O     . HOH D 3 .  ? -6.151  1.272   11.901  1.00 43.97 ? 157 HOH A O     1 
HETATM 544 O  O     . HOH D 3 .  ? 4.157   5.244   12.248  1.00 48.38 ? 158 HOH A O     1 
HETATM 545 O  O     . HOH D 3 .  ? -6.127  -12.128 13.794  1.00 49.68 ? 159 HOH A O     1 
HETATM 546 O  O     . HOH D 3 .  ? 4.373   11.129  -6.110  1.00 43.05 ? 160 HOH A O     1 
HETATM 547 O  O     . HOH D 3 .  ? 5.009   4.182   -13.999 1.00 57.21 ? 161 HOH A O     1 
HETATM 548 O  O     . HOH D 3 .  ? -5.614  -0.534  8.523   1.00 47.36 ? 162 HOH A O     1 
HETATM 549 O  O     . HOH E 3 .  ? 7.431   -8.104  6.386   1.00 17.29 ? 106 HOH B O     1 
HETATM 550 O  O     . HOH E 3 .  ? 10.266  -8.775  6.467   1.00 15.90 ? 107 HOH B O     1 
HETATM 551 O  O     . HOH E 3 .  ? 8.274   -10.869 6.119   1.00 17.94 ? 108 HOH B O     1 
HETATM 552 O  O     . HOH E 3 .  ? 4.195   -0.001  -3.216  1.00 19.75 ? 109 HOH B O     1 
HETATM 553 O  O     . HOH E 3 .  ? 5.784   1.865   0.755   1.00 19.25 ? 110 HOH B O     1 
HETATM 554 O  O     . HOH E 3 .  ? 7.268   0.821   9.849   1.00 17.17 ? 111 HOH B O     1 
HETATM 555 O  O     . HOH E 3 .  ? -4.940  6.817   -4.260  1.00 27.44 ? 112 HOH B O     1 
HETATM 556 O  O     . HOH E 3 .  ? 6.940   0.316   6.444   1.00 24.80 ? 113 HOH B O     1 
HETATM 557 O  O     . HOH E 3 .  ? 10.319  -6.165  5.513   1.00 24.76 ? 114 HOH B O     1 
HETATM 558 O  O     . HOH E 3 .  ? 8.673   5.562   19.494  1.00 37.87 ? 115 HOH B O     1 
HETATM 559 O  O     . HOH E 3 .  ? 0.584   -5.955  3.187   1.00 28.37 ? 116 HOH B O     1 
HETATM 560 O  O     . HOH E 3 .  ? 6.421   -7.978  1.771   1.00 37.68 ? 117 HOH B O     1 
HETATM 561 O  O     . HOH E 3 .  ? -3.312  -2.199  -7.514  1.00 27.22 ? 118 HOH B O     1 
HETATM 562 O  O     . HOH E 3 .  ? 6.990   -6.667  -0.499  1.00 26.53 ? 119 HOH B O     1 
HETATM 563 O  O     . HOH E 3 .  ? -10.602 12.082  -16.889 1.00 25.18 ? 120 HOH B O     1 
HETATM 564 O  O     . HOH E 3 .  ? -4.957  11.780  -10.776 1.00 50.20 ? 121 HOH B O     1 
HETATM 565 O  O     . HOH E 3 .  ? 12.373  -4.403  9.790   1.00 27.56 ? 122 HOH B O     1 
HETATM 566 O  O     . HOH E 3 .  ? -8.199  9.396   -3.819  1.00 37.04 ? 123 HOH B O     1 
HETATM 567 O  O     . HOH E 3 .  ? 13.962  1.088   -0.704  1.00 45.79 ? 124 HOH B O     1 
HETATM 568 O  O     . HOH E 3 .  ? -5.284  -2.261  0.294   1.00 33.98 ? 125 HOH B O     1 
HETATM 569 O  O     . HOH E 3 .  ? -2.825  -8.388  -1.843  1.00 32.40 ? 126 HOH B O     1 
HETATM 570 O  O     . HOH E 3 .  ? 11.458  4.180   4.174   1.00 45.90 ? 127 HOH B O     1 
HETATM 571 O  O     . HOH E 3 .  ? -5.343  3.843   -0.690  1.00 32.68 ? 128 HOH B O     1 
HETATM 572 O  O     . HOH E 3 .  ? -5.085  9.283   -11.485 1.00 33.00 ? 129 HOH B O     1 
HETATM 573 O  O     . HOH E 3 .  ? 10.574  -4.272  1.150   1.00 36.27 ? 130 HOH B O     1 
HETATM 574 O  O     . HOH E 3 .  ? 14.396  3.544   6.068   1.00 30.34 ? 131 HOH B O     1 
HETATM 575 O  O     . HOH E 3 .  ? -9.227  4.289   0.364   1.00 45.68 ? 132 HOH B O     1 
HETATM 576 O  O     . HOH E 3 .  ? 6.355   1.677   -2.057  1.00 22.44 ? 133 HOH B O     1 
HETATM 577 O  O     . HOH E 3 .  ? 3.690   -1.307  -5.676  1.00 24.22 ? 134 HOH B O     1 
HETATM 578 O  O     . HOH E 3 .  ? 6.975   3.253   2.864   1.00 26.58 ? 135 HOH B O     1 
HETATM 579 O  O     . HOH E 3 .  ? -4.427  -6.355  -1.418  1.00 37.74 ? 136 HOH B O     1 
HETATM 580 O  O     . HOH E 3 .  ? 6.057   -12.868 5.913   1.00 32.74 ? 137 HOH B O     1 
HETATM 581 O  O     . HOH E 3 .  ? -0.851  -3.224  -7.531  1.00 24.01 ? 138 HOH B O     1 
HETATM 582 O  O     . HOH E 3 .  ? 0.905   -7.842  -1.638  1.00 35.58 ? 139 HOH B O     1 
HETATM 583 O  O     . HOH E 3 .  ? 11.466  6.495   5.458   1.00 47.70 ? 140 HOH B O     1 
HETATM 584 O  O     . HOH E 3 .  ? 12.078  -2.123  15.363  1.00 42.32 ? 141 HOH B O     1 
HETATM 585 O  O     . HOH E 3 .  ? -4.772  -0.025  1.681   1.00 34.57 ? 142 HOH B O     1 
HETATM 586 O  O     . HOH E 3 .  ? -2.536  -3.572  3.047   1.00 31.38 ? 143 HOH B O     1 
HETATM 587 O  O     . HOH E 3 .  ? -6.755  1.722   -0.203  1.00 35.15 ? 144 HOH B O     1 
HETATM 588 O  O     . HOH E 3 .  ? 5.639   -2.203  -7.666  1.00 40.53 ? 145 HOH B O     1 
HETATM 589 O  O     . HOH E 3 .  ? -12.542 14.423  -17.167 1.00 46.49 ? 146 HOH B O     1 
HETATM 590 O  O     . HOH E 3 .  ? -7.989  -2.525  -8.177  1.00 39.33 ? 147 HOH B O     1 
HETATM 591 O  O     . HOH E 3 .  ? 9.071   8.382   18.891  1.00 40.52 ? 148 HOH B O     1 
HETATM 592 O  O     . HOH E 3 .  ? -8.880  12.832  -18.755 1.00 37.63 ? 149 HOH B O     1 
HETATM 593 O  O     . HOH E 3 .  ? -0.399  -5.064  -9.567  1.00 30.71 ? 150 HOH B O     1 
HETATM 594 O  O     . HOH E 3 .  ? 10.842  -6.253  3.015   1.00 45.48 ? 151 HOH B O     1 
HETATM 595 O  O     . HOH E 3 .  ? 3.283   -8.936  -1.440  1.00 40.96 ? 152 HOH B O     1 
HETATM 596 O  O     . HOH E 3 .  ? 0.522   -8.413  1.511   1.00 45.56 ? 153 HOH B O     1 
HETATM 597 O  O     . HOH E 3 .  ? 1.598   -10.754 -3.962  1.00 39.63 ? 154 HOH B O     1 
HETATM 598 O  O     . HOH E 3 .  ? -9.023  5.718   3.389   1.00 52.94 ? 155 HOH B O     1 
HETATM 599 O  O     . HOH E 3 .  ? -4.506  9.649   -7.677  1.00 43.75 ? 156 HOH B O     1 
HETATM 600 O  O     . HOH E 3 .  ? -3.041  -5.983  -9.828  1.00 42.57 ? 157 HOH B O     1 
HETATM 601 O  O     . HOH E 3 .  ? 8.903   1.929   -2.891  1.00 33.46 ? 158 HOH B O     1 
# 
loop_
_pdbx_poly_seq_scheme.asym_id 
_pdbx_poly_seq_scheme.entity_id 
_pdbx_poly_seq_scheme.seq_id 
_pdbx_poly_seq_scheme.mon_id 
_pdbx_poly_seq_scheme.ndb_seq_num 
_pdbx_poly_seq_scheme.pdb_seq_num 
_pdbx_poly_seq_scheme.auth_seq_num 
_pdbx_poly_seq_scheme.pdb_mon_id 
_pdbx_poly_seq_scheme.auth_mon_id 
_pdbx_poly_seq_scheme.pdb_strand_id 
_pdbx_poly_seq_scheme.pdb_ins_code 
_pdbx_poly_seq_scheme.hetero 
A 1 1  DC  1  1  1  DC  C  A . n 
A 1 2  DG  2  2  2  DG  G  A . n 
A 1 3  DC  3  3  3  DC  C  A . n 
A 1 4  DG  4  4  4  DG  G  A . n 
A 1 5  DA  5  5  5  DA  A  A . n 
A 1 6  DA  6  6  6  DA  A  A . n 
A 1 7  DT  7  7  7  DT  T  A . n 
A 1 8  DT  8  8  8  DT  T  A . n 
A 1 9  C45 9  9  9  C45 +C A . n 
A 1 10 DG  10 10 10 DG  G  A . n 
A 1 11 DC  11 11 11 DC  C  A . n 
A 1 12 DG  12 12 12 DG  G  A . n 
B 1 1  DC  1  13 13 DC  C  B . n 
B 1 2  DG  2  14 14 DG  G  B . n 
B 1 3  DC  3  15 15 DC  C  B . n 
B 1 4  DG  4  16 16 DG  G  B . n 
B 1 5  DA  5  17 17 DA  A  B . n 
B 1 6  DA  6  18 18 DA  A  B . n 
B 1 7  DT  7  19 19 DT  T  B . n 
B 1 8  DT  8  20 20 DT  T  B . n 
B 1 9  C45 9  21 21 C45 +C B . n 
B 1 10 DG  10 22 22 DG  G  B . n 
B 1 11 DC  11 23 23 DC  C  B . n 
B 1 12 DG  12 24 24 DG  G  B . n 
# 
loop_
_pdbx_nonpoly_scheme.asym_id 
_pdbx_nonpoly_scheme.entity_id 
_pdbx_nonpoly_scheme.mon_id 
_pdbx_nonpoly_scheme.ndb_seq_num 
_pdbx_nonpoly_scheme.pdb_seq_num 
_pdbx_nonpoly_scheme.auth_seq_num 
_pdbx_nonpoly_scheme.pdb_mon_id 
_pdbx_nonpoly_scheme.auth_mon_id 
_pdbx_nonpoly_scheme.pdb_strand_id 
_pdbx_nonpoly_scheme.pdb_ins_code 
C 2 MG  1  105 105 MG  MO6 A . 
D 3 HOH 1  106 105 HOH MO6 A . 
D 3 HOH 2  107 105 HOH MO6 A . 
D 3 HOH 3  108 105 HOH MO6 A . 
D 3 HOH 4  109 1   HOH HOH A . 
D 3 HOH 5  110 4   HOH HOH A . 
D 3 HOH 6  111 6   HOH HOH A . 
D 3 HOH 7  112 8   HOH HOH A . 
D 3 HOH 8  113 9   HOH HOH A . 
D 3 HOH 9  114 11  HOH HOH A . 
D 3 HOH 10 115 13  HOH HOH A . 
D 3 HOH 11 116 14  HOH HOH A . 
D 3 HOH 12 117 16  HOH HOH A . 
D 3 HOH 13 118 18  HOH HOH A . 
D 3 HOH 14 119 19  HOH HOH A . 
D 3 HOH 15 120 20  HOH HOH A . 
D 3 HOH 16 121 21  HOH HOH A . 
D 3 HOH 17 122 24  HOH HOH A . 
D 3 HOH 18 123 25  HOH HOH A . 
D 3 HOH 19 124 30  HOH HOH A . 
D 3 HOH 20 125 31  HOH HOH A . 
D 3 HOH 21 126 32  HOH HOH A . 
D 3 HOH 22 127 33  HOH HOH A . 
D 3 HOH 23 128 34  HOH HOH A . 
D 3 HOH 24 129 35  HOH HOH A . 
D 3 HOH 25 130 43  HOH HOH A . 
D 3 HOH 26 131 44  HOH HOH A . 
D 3 HOH 27 132 45  HOH HOH A . 
D 3 HOH 28 133 49  HOH HOH A . 
D 3 HOH 29 134 50  HOH HOH A . 
D 3 HOH 30 135 51  HOH HOH A . 
D 3 HOH 31 136 52  HOH HOH A . 
D 3 HOH 32 137 55  HOH HOH A . 
D 3 HOH 33 138 57  HOH HOH A . 
D 3 HOH 34 139 59  HOH HOH A . 
D 3 HOH 35 140 61  HOH HOH A . 
D 3 HOH 36 141 65  HOH HOH A . 
D 3 HOH 37 142 66  HOH HOH A . 
D 3 HOH 38 143 69  HOH HOH A . 
D 3 HOH 39 144 71  HOH HOH A . 
D 3 HOH 40 145 73  HOH HOH A . 
D 3 HOH 41 146 74  HOH HOH A . 
D 3 HOH 42 147 75  HOH HOH A . 
D 3 HOH 43 148 76  HOH HOH A . 
D 3 HOH 44 149 77  HOH HOH A . 
D 3 HOH 45 150 81  HOH HOH A . 
D 3 HOH 46 151 83  HOH HOH A . 
D 3 HOH 47 152 87  HOH HOH A . 
D 3 HOH 48 153 88  HOH HOH A . 
D 3 HOH 49 154 89  HOH HOH A . 
D 3 HOH 50 155 91  HOH HOH A . 
D 3 HOH 51 156 92  HOH HOH A . 
D 3 HOH 52 157 97  HOH HOH A . 
D 3 HOH 53 158 98  HOH HOH A . 
D 3 HOH 54 159 99  HOH HOH A . 
D 3 HOH 55 160 100 HOH HOH A . 
D 3 HOH 56 161 102 HOH HOH A . 
D 3 HOH 57 162 104 HOH HOH A . 
E 3 HOH 1  106 105 HOH MO6 B . 
E 3 HOH 2  107 105 HOH MO6 B . 
E 3 HOH 3  108 105 HOH MO6 B . 
E 3 HOH 4  109 2   HOH HOH B . 
E 3 HOH 5  110 3   HOH HOH B . 
E 3 HOH 6  111 5   HOH HOH B . 
E 3 HOH 7  112 7   HOH HOH B . 
E 3 HOH 8  113 10  HOH HOH B . 
E 3 HOH 9  114 12  HOH HOH B . 
E 3 HOH 10 115 15  HOH HOH B . 
E 3 HOH 11 116 17  HOH HOH B . 
E 3 HOH 12 117 22  HOH HOH B . 
E 3 HOH 13 118 23  HOH HOH B . 
E 3 HOH 14 119 26  HOH HOH B . 
E 3 HOH 15 120 27  HOH HOH B . 
E 3 HOH 16 121 28  HOH HOH B . 
E 3 HOH 17 122 29  HOH HOH B . 
E 3 HOH 18 123 36  HOH HOH B . 
E 3 HOH 19 124 37  HOH HOH B . 
E 3 HOH 20 125 38  HOH HOH B . 
E 3 HOH 21 126 39  HOH HOH B . 
E 3 HOH 22 127 40  HOH HOH B . 
E 3 HOH 23 128 41  HOH HOH B . 
E 3 HOH 24 129 42  HOH HOH B . 
E 3 HOH 25 130 46  HOH HOH B . 
E 3 HOH 26 131 47  HOH HOH B . 
E 3 HOH 27 132 48  HOH HOH B . 
E 3 HOH 28 133 53  HOH HOH B . 
E 3 HOH 29 134 54  HOH HOH B . 
E 3 HOH 30 135 56  HOH HOH B . 
E 3 HOH 31 136 58  HOH HOH B . 
E 3 HOH 32 137 60  HOH HOH B . 
E 3 HOH 33 138 62  HOH HOH B . 
E 3 HOH 34 139 63  HOH HOH B . 
E 3 HOH 35 140 64  HOH HOH B . 
E 3 HOH 36 141 67  HOH HOH B . 
E 3 HOH 37 142 68  HOH HOH B . 
E 3 HOH 38 143 70  HOH HOH B . 
E 3 HOH 39 144 72  HOH HOH B . 
E 3 HOH 40 145 78  HOH HOH B . 
E 3 HOH 41 146 79  HOH HOH B . 
E 3 HOH 42 147 80  HOH HOH B . 
E 3 HOH 43 148 82  HOH HOH B . 
E 3 HOH 44 149 84  HOH HOH B . 
E 3 HOH 45 150 85  HOH HOH B . 
E 3 HOH 46 151 86  HOH HOH B . 
E 3 HOH 47 152 90  HOH HOH B . 
E 3 HOH 48 153 93  HOH HOH B . 
E 3 HOH 49 154 94  HOH HOH B . 
E 3 HOH 50 155 95  HOH HOH B . 
E 3 HOH 51 156 96  HOH HOH B . 
E 3 HOH 52 157 101 HOH HOH B . 
E 3 HOH 53 158 103 HOH HOH B . 
# 
loop_
_pdbx_struct_mod_residue.id 
_pdbx_struct_mod_residue.label_asym_id 
_pdbx_struct_mod_residue.label_comp_id 
_pdbx_struct_mod_residue.label_seq_id 
_pdbx_struct_mod_residue.auth_asym_id 
_pdbx_struct_mod_residue.auth_comp_id 
_pdbx_struct_mod_residue.auth_seq_id 
_pdbx_struct_mod_residue.PDB_ins_code 
_pdbx_struct_mod_residue.parent_comp_id 
_pdbx_struct_mod_residue.details 
1 A C45 9 A C45 9  ? DC ? 
2 B C45 9 B C45 21 ? DC ? 
# 
_pdbx_struct_assembly.id                   1 
_pdbx_struct_assembly.details              author_defined_assembly 
_pdbx_struct_assembly.method_details       ? 
_pdbx_struct_assembly.oligomeric_details   dimeric 
_pdbx_struct_assembly.oligomeric_count     2 
# 
_pdbx_struct_assembly_gen.assembly_id       1 
_pdbx_struct_assembly_gen.oper_expression   1 
_pdbx_struct_assembly_gen.asym_id_list      A,B,C,D,E 
# 
_pdbx_struct_oper_list.id                   1 
_pdbx_struct_oper_list.type                 'identity operation' 
_pdbx_struct_oper_list.name                 1_555 
_pdbx_struct_oper_list.symmetry_operation   x,y,z 
_pdbx_struct_oper_list.matrix[1][1]         1.0000000000 
_pdbx_struct_oper_list.matrix[1][2]         0.0000000000 
_pdbx_struct_oper_list.matrix[1][3]         0.0000000000 
_pdbx_struct_oper_list.vector[1]            0.0000000000 
_pdbx_struct_oper_list.matrix[2][1]         0.0000000000 
_pdbx_struct_oper_list.matrix[2][2]         1.0000000000 
_pdbx_struct_oper_list.matrix[2][3]         0.0000000000 
_pdbx_struct_oper_list.vector[2]            0.0000000000 
_pdbx_struct_oper_list.matrix[3][1]         0.0000000000 
_pdbx_struct_oper_list.matrix[3][2]         0.0000000000 
_pdbx_struct_oper_list.matrix[3][3]         1.0000000000 
_pdbx_struct_oper_list.vector[3]            0.0000000000 
# 
loop_
_pdbx_struct_conn_angle.id 
_pdbx_struct_conn_angle.ptnr1_label_atom_id 
_pdbx_struct_conn_angle.ptnr1_label_alt_id 
_pdbx_struct_conn_angle.ptnr1_label_asym_id 
_pdbx_struct_conn_angle.ptnr1_label_comp_id 
_pdbx_struct_conn_angle.ptnr1_label_seq_id 
_pdbx_struct_conn_angle.ptnr1_auth_atom_id 
_pdbx_struct_conn_angle.ptnr1_auth_asym_id 
_pdbx_struct_conn_angle.ptnr1_auth_comp_id 
_pdbx_struct_conn_angle.ptnr1_auth_seq_id 
_pdbx_struct_conn_angle.ptnr1_PDB_ins_code 
_pdbx_struct_conn_angle.ptnr1_symmetry 
_pdbx_struct_conn_angle.ptnr2_label_atom_id 
_pdbx_struct_conn_angle.ptnr2_label_alt_id 
_pdbx_struct_conn_angle.ptnr2_label_asym_id 
_pdbx_struct_conn_angle.ptnr2_label_comp_id 
_pdbx_struct_conn_angle.ptnr2_label_seq_id 
_pdbx_struct_conn_angle.ptnr2_auth_atom_id 
_pdbx_struct_conn_angle.ptnr2_auth_asym_id 
_pdbx_struct_conn_angle.ptnr2_auth_comp_id 
_pdbx_struct_conn_angle.ptnr2_auth_seq_id 
_pdbx_struct_conn_angle.ptnr2_PDB_ins_code 
_pdbx_struct_conn_angle.ptnr2_symmetry 
_pdbx_struct_conn_angle.ptnr3_label_atom_id 
_pdbx_struct_conn_angle.ptnr3_label_alt_id 
_pdbx_struct_conn_angle.ptnr3_label_asym_id 
_pdbx_struct_conn_angle.ptnr3_label_comp_id 
_pdbx_struct_conn_angle.ptnr3_label_seq_id 
_pdbx_struct_conn_angle.ptnr3_auth_atom_id 
_pdbx_struct_conn_angle.ptnr3_auth_asym_id 
_pdbx_struct_conn_angle.ptnr3_auth_comp_id 
_pdbx_struct_conn_angle.ptnr3_auth_seq_id 
_pdbx_struct_conn_angle.ptnr3_PDB_ins_code 
_pdbx_struct_conn_angle.ptnr3_symmetry 
_pdbx_struct_conn_angle.value 
_pdbx_struct_conn_angle.value_esd 
1  O ? D HOH . ? A HOH 106 ? 1_555 MG ? C MG . ? A MG 105 ? 1_555 O ? D HOH . ? A HOH 107 ? 1_555 90.3  ? 
2  O ? D HOH . ? A HOH 106 ? 1_555 MG ? C MG . ? A MG 105 ? 1_555 O ? D HOH . ? A HOH 108 ? 1_555 90.7  ? 
3  O ? D HOH . ? A HOH 107 ? 1_555 MG ? C MG . ? A MG 105 ? 1_555 O ? D HOH . ? A HOH 108 ? 1_555 90.4  ? 
4  O ? D HOH . ? A HOH 106 ? 1_555 MG ? C MG . ? A MG 105 ? 1_555 O ? E HOH . ? B HOH 106 ? 1_555 179.0 ? 
5  O ? D HOH . ? A HOH 107 ? 1_555 MG ? C MG . ? A MG 105 ? 1_555 O ? E HOH . ? B HOH 106 ? 1_555 90.5  ? 
6  O ? D HOH . ? A HOH 108 ? 1_555 MG ? C MG . ? A MG 105 ? 1_555 O ? E HOH . ? B HOH 106 ? 1_555 89.8  ? 
7  O ? D HOH . ? A HOH 106 ? 1_555 MG ? C MG . ? A MG 105 ? 1_555 O ? E HOH . ? B HOH 107 ? 1_555 89.6  ? 
8  O ? D HOH . ? A HOH 107 ? 1_555 MG ? C MG . ? A MG 105 ? 1_555 O ? E HOH . ? B HOH 107 ? 1_555 179.9 ? 
9  O ? D HOH . ? A HOH 108 ? 1_555 MG ? C MG . ? A MG 105 ? 1_555 O ? E HOH . ? B HOH 107 ? 1_555 89.5  ? 
10 O ? E HOH . ? B HOH 106 ? 1_555 MG ? C MG . ? A MG 105 ? 1_555 O ? E HOH . ? B HOH 107 ? 1_555 89.6  ? 
11 O ? D HOH . ? A HOH 106 ? 1_555 MG ? C MG . ? A MG 105 ? 1_555 O ? E HOH . ? B HOH 108 ? 1_555 90.4  ? 
12 O ? D HOH . ? A HOH 107 ? 1_555 MG ? C MG . ? A MG 105 ? 1_555 O ? E HOH . ? B HOH 108 ? 1_555 90.2  ? 
13 O ? D HOH . ? A HOH 108 ? 1_555 MG ? C MG . ? A MG 105 ? 1_555 O ? E HOH . ? B HOH 108 ? 1_555 178.7 ? 
14 O ? E HOH . ? B HOH 106 ? 1_555 MG ? C MG . ? A MG 105 ? 1_555 O ? E HOH . ? B HOH 108 ? 1_555 89.1  ? 
15 O ? E HOH . ? B HOH 107 ? 1_555 MG ? C MG . ? A MG 105 ? 1_555 O ? E HOH . ? B HOH 108 ? 1_555 89.9  ? 
# 
loop_
_pdbx_audit_revision_history.ordinal 
_pdbx_audit_revision_history.data_content_type 
_pdbx_audit_revision_history.major_revision 
_pdbx_audit_revision_history.minor_revision 
_pdbx_audit_revision_history.revision_date 
1 'Structure model' 1 0 2001-09-14 
2 'Structure model' 1 1 2007-10-16 
3 'Structure model' 1 2 2011-07-13 
4 'Structure model' 1 3 2023-08-09 
# 
_pdbx_audit_revision_details.ordinal             1 
_pdbx_audit_revision_details.revision_ordinal    1 
_pdbx_audit_revision_details.data_content_type   'Structure model' 
_pdbx_audit_revision_details.provider            repository 
_pdbx_audit_revision_details.type                'Initial release' 
_pdbx_audit_revision_details.description         ? 
_pdbx_audit_revision_details.details             ? 
# 
loop_
_pdbx_audit_revision_group.ordinal 
_pdbx_audit_revision_group.revision_ordinal 
_pdbx_audit_revision_group.data_content_type 
_pdbx_audit_revision_group.group 
1 2 'Structure model' 'Version format compliance' 
2 3 'Structure model' 'Version format compliance' 
3 4 'Structure model' 'Data collection'           
4 4 'Structure model' 'Database references'       
5 4 'Structure model' 'Derived calculations'      
6 4 'Structure model' 'Refinement description'    
# 
loop_
_pdbx_audit_revision_category.ordinal 
_pdbx_audit_revision_category.revision_ordinal 
_pdbx_audit_revision_category.data_content_type 
_pdbx_audit_revision_category.category 
1 4 'Structure model' chem_comp_atom                
2 4 'Structure model' chem_comp_bond                
3 4 'Structure model' database_2                    
4 4 'Structure model' pdbx_initial_refinement_model 
5 4 'Structure model' pdbx_struct_conn_angle        
6 4 'Structure model' struct_conn                   
7 4 'Structure model' struct_conn_type              
8 4 'Structure model' struct_site                   
# 
loop_
_pdbx_audit_revision_item.ordinal 
_pdbx_audit_revision_item.revision_ordinal 
_pdbx_audit_revision_item.data_content_type 
_pdbx_audit_revision_item.item 
1  4 'Structure model' '_database_2.pdbx_DOI'                        
2  4 'Structure model' '_database_2.pdbx_database_accession'         
3  4 'Structure model' '_pdbx_struct_conn_angle.ptnr1_auth_asym_id'  
4  4 'Structure model' '_pdbx_struct_conn_angle.ptnr1_auth_seq_id'   
5  4 'Structure model' '_pdbx_struct_conn_angle.ptnr1_label_asym_id' 
6  4 'Structure model' '_pdbx_struct_conn_angle.ptnr3_auth_asym_id'  
7  4 'Structure model' '_pdbx_struct_conn_angle.ptnr3_auth_seq_id'   
8  4 'Structure model' '_pdbx_struct_conn_angle.ptnr3_label_asym_id' 
9  4 'Structure model' '_pdbx_struct_conn_angle.value'               
10 4 'Structure model' '_struct_conn.conn_type_id'                   
11 4 'Structure model' '_struct_conn.id'                             
12 4 'Structure model' '_struct_conn.pdbx_dist_value'                
13 4 'Structure model' '_struct_conn.pdbx_leaving_atom_flag'         
14 4 'Structure model' '_struct_conn.ptnr1_auth_asym_id'             
15 4 'Structure model' '_struct_conn.ptnr1_auth_comp_id'             
16 4 'Structure model' '_struct_conn.ptnr1_auth_seq_id'              
17 4 'Structure model' '_struct_conn.ptnr1_label_asym_id'            
18 4 'Structure model' '_struct_conn.ptnr1_label_atom_id'            
19 4 'Structure model' '_struct_conn.ptnr1_label_comp_id'            
20 4 'Structure model' '_struct_conn.ptnr1_label_seq_id'             
21 4 'Structure model' '_struct_conn.ptnr2_auth_asym_id'             
22 4 'Structure model' '_struct_conn.ptnr2_auth_comp_id'             
23 4 'Structure model' '_struct_conn.ptnr2_auth_seq_id'              
24 4 'Structure model' '_struct_conn.ptnr2_label_asym_id'            
25 4 'Structure model' '_struct_conn.ptnr2_label_atom_id'            
26 4 'Structure model' '_struct_conn.ptnr2_label_comp_id'            
27 4 'Structure model' '_struct_conn.ptnr2_label_seq_id'             
28 4 'Structure model' '_struct_conn_type.id'                        
29 4 'Structure model' '_struct_site.pdbx_auth_asym_id'              
30 4 'Structure model' '_struct_site.pdbx_auth_comp_id'              
31 4 'Structure model' '_struct_site.pdbx_auth_seq_id'               
# 
loop_
_software.name 
_software.classification 
_software.version 
_software.citation_id 
_software.pdbx_ordinal 
AMoRE     phasing          .   ? 1 
CNS       refinement       1.0 ? 2 
DENZO     'data reduction' .   ? 3 
SCALEPACK 'data scaling'   .   ? 4 
# 
_pdbx_validate_planes.id              1 
_pdbx_validate_planes.PDB_model_num   1 
_pdbx_validate_planes.auth_comp_id    DT 
_pdbx_validate_planes.auth_asym_id    B 
_pdbx_validate_planes.auth_seq_id     20 
_pdbx_validate_planes.PDB_ins_code    ? 
_pdbx_validate_planes.label_alt_id    ? 
_pdbx_validate_planes.rmsd            0.070 
_pdbx_validate_planes.type            'SIDE CHAIN' 
# 
loop_
_chem_comp_atom.comp_id 
_chem_comp_atom.atom_id 
_chem_comp_atom.type_symbol 
_chem_comp_atom.pdbx_aromatic_flag 
_chem_comp_atom.pdbx_stereo_config 
_chem_comp_atom.pdbx_ordinal 
C45 N1     N  N N 1   
C45 C2     C  N N 2   
C45 N3     N  N N 3   
C45 C4     C  N N 4   
C45 C5     C  N N 5   
C45 C6     C  N N 6   
C45 O2     O  N N 7   
C45 N4     N  N N 8   
C45 "C1'"  C  N R 9   
C45 "C2'"  C  N N 10  
C45 CM2    C  N N 11  
C45 "C3'"  C  N S 12  
C45 "C4'"  C  N R 13  
C45 "O4'"  O  N N 14  
C45 "O3'"  O  N N 15  
C45 "C5'"  C  N N 16  
C45 "O5'"  O  N N 17  
C45 P      P  N N 18  
C45 O1P    O  N N 19  
C45 O2P    O  N N 20  
C45 O      O  N N 21  
C45 O3P    O  N N 22  
C45 H5     H  N N 23  
C45 H6     H  N N 24  
C45 H4     H  N N 25  
C45 "H1'"  H  N N 26  
C45 "H2'1" H  N N 27  
C45 "H2'2" H  N N 28  
C45 HM21   H  N N 29  
C45 HM22   H  N N 30  
C45 HM23   H  N N 31  
C45 "H3'"  H  N N 32  
C45 "H4'"  H  N N 33  
C45 HA     H  N N 34  
C45 "H5'1" H  N N 35  
C45 "H5'2" H  N N 36  
C45 H1P    H  N N 37  
C45 H2P    H  N N 38  
DA  OP3    O  N N 39  
DA  P      P  N N 40  
DA  OP1    O  N N 41  
DA  OP2    O  N N 42  
DA  "O5'"  O  N N 43  
DA  "C5'"  C  N N 44  
DA  "C4'"  C  N R 45  
DA  "O4'"  O  N N 46  
DA  "C3'"  C  N S 47  
DA  "O3'"  O  N N 48  
DA  "C2'"  C  N N 49  
DA  "C1'"  C  N R 50  
DA  N9     N  Y N 51  
DA  C8     C  Y N 52  
DA  N7     N  Y N 53  
DA  C5     C  Y N 54  
DA  C6     C  Y N 55  
DA  N6     N  N N 56  
DA  N1     N  Y N 57  
DA  C2     C  Y N 58  
DA  N3     N  Y N 59  
DA  C4     C  Y N 60  
DA  HOP3   H  N N 61  
DA  HOP2   H  N N 62  
DA  "H5'"  H  N N 63  
DA  "H5''" H  N N 64  
DA  "H4'"  H  N N 65  
DA  "H3'"  H  N N 66  
DA  "HO3'" H  N N 67  
DA  "H2'"  H  N N 68  
DA  "H2''" H  N N 69  
DA  "H1'"  H  N N 70  
DA  H8     H  N N 71  
DA  H61    H  N N 72  
DA  H62    H  N N 73  
DA  H2     H  N N 74  
DC  OP3    O  N N 75  
DC  P      P  N N 76  
DC  OP1    O  N N 77  
DC  OP2    O  N N 78  
DC  "O5'"  O  N N 79  
DC  "C5'"  C  N N 80  
DC  "C4'"  C  N R 81  
DC  "O4'"  O  N N 82  
DC  "C3'"  C  N S 83  
DC  "O3'"  O  N N 84  
DC  "C2'"  C  N N 85  
DC  "C1'"  C  N R 86  
DC  N1     N  N N 87  
DC  C2     C  N N 88  
DC  O2     O  N N 89  
DC  N3     N  N N 90  
DC  C4     C  N N 91  
DC  N4     N  N N 92  
DC  C5     C  N N 93  
DC  C6     C  N N 94  
DC  HOP3   H  N N 95  
DC  HOP2   H  N N 96  
DC  "H5'"  H  N N 97  
DC  "H5''" H  N N 98  
DC  "H4'"  H  N N 99  
DC  "H3'"  H  N N 100 
DC  "HO3'" H  N N 101 
DC  "H2'"  H  N N 102 
DC  "H2''" H  N N 103 
DC  "H1'"  H  N N 104 
DC  H41    H  N N 105 
DC  H42    H  N N 106 
DC  H5     H  N N 107 
DC  H6     H  N N 108 
DG  OP3    O  N N 109 
DG  P      P  N N 110 
DG  OP1    O  N N 111 
DG  OP2    O  N N 112 
DG  "O5'"  O  N N 113 
DG  "C5'"  C  N N 114 
DG  "C4'"  C  N R 115 
DG  "O4'"  O  N N 116 
DG  "C3'"  C  N S 117 
DG  "O3'"  O  N N 118 
DG  "C2'"  C  N N 119 
DG  "C1'"  C  N R 120 
DG  N9     N  Y N 121 
DG  C8     C  Y N 122 
DG  N7     N  Y N 123 
DG  C5     C  Y N 124 
DG  C6     C  N N 125 
DG  O6     O  N N 126 
DG  N1     N  N N 127 
DG  C2     C  N N 128 
DG  N2     N  N N 129 
DG  N3     N  N N 130 
DG  C4     C  Y N 131 
DG  HOP3   H  N N 132 
DG  HOP2   H  N N 133 
DG  "H5'"  H  N N 134 
DG  "H5''" H  N N 135 
DG  "H4'"  H  N N 136 
DG  "H3'"  H  N N 137 
DG  "HO3'" H  N N 138 
DG  "H2'"  H  N N 139 
DG  "H2''" H  N N 140 
DG  "H1'"  H  N N 141 
DG  H8     H  N N 142 
DG  H1     H  N N 143 
DG  H21    H  N N 144 
DG  H22    H  N N 145 
DT  OP3    O  N N 146 
DT  P      P  N N 147 
DT  OP1    O  N N 148 
DT  OP2    O  N N 149 
DT  "O5'"  O  N N 150 
DT  "C5'"  C  N N 151 
DT  "C4'"  C  N R 152 
DT  "O4'"  O  N N 153 
DT  "C3'"  C  N S 154 
DT  "O3'"  O  N N 155 
DT  "C2'"  C  N N 156 
DT  "C1'"  C  N R 157 
DT  N1     N  N N 158 
DT  C2     C  N N 159 
DT  O2     O  N N 160 
DT  N3     N  N N 161 
DT  C4     C  N N 162 
DT  O4     O  N N 163 
DT  C5     C  N N 164 
DT  C7     C  N N 165 
DT  C6     C  N N 166 
DT  HOP3   H  N N 167 
DT  HOP2   H  N N 168 
DT  "H5'"  H  N N 169 
DT  "H5''" H  N N 170 
DT  "H4'"  H  N N 171 
DT  "H3'"  H  N N 172 
DT  "HO3'" H  N N 173 
DT  "H2'"  H  N N 174 
DT  "H2''" H  N N 175 
DT  "H1'"  H  N N 176 
DT  H3     H  N N 177 
DT  H71    H  N N 178 
DT  H72    H  N N 179 
DT  H73    H  N N 180 
DT  H6     H  N N 181 
HOH O      O  N N 182 
HOH H1     H  N N 183 
HOH H2     H  N N 184 
MG  MG     MG N N 185 
# 
loop_
_chem_comp_bond.comp_id 
_chem_comp_bond.atom_id_1 
_chem_comp_bond.atom_id_2 
_chem_comp_bond.value_order 
_chem_comp_bond.pdbx_aromatic_flag 
_chem_comp_bond.pdbx_stereo_config 
_chem_comp_bond.pdbx_ordinal 
C45 N1    C2     sing N N 1   
C45 N1    C6     sing N N 2   
C45 N1    "C1'"  sing N N 3   
C45 C2    N3     sing N N 4   
C45 C2    O2     doub N N 5   
C45 N3    C4     doub N N 6   
C45 C4    C5     sing N N 7   
C45 C4    N4     sing N N 8   
C45 C5    C6     doub N N 9   
C45 C5    H5     sing N N 10  
C45 C6    H6     sing N N 11  
C45 N4    O      sing N N 12  
C45 N4    H4     sing N N 13  
C45 "C1'" "C2'"  sing N N 14  
C45 "C1'" "O4'"  sing N N 15  
C45 "C1'" "H1'"  sing N N 16  
C45 "C2'" "C3'"  sing N N 17  
C45 "C2'" "H2'1" sing N N 18  
C45 "C2'" "H2'2" sing N N 19  
C45 CM2   O      sing N N 20  
C45 CM2   HM21   sing N N 21  
C45 CM2   HM22   sing N N 22  
C45 CM2   HM23   sing N N 23  
C45 "C3'" "C4'"  sing N N 24  
C45 "C3'" "O3'"  sing N N 25  
C45 "C3'" "H3'"  sing N N 26  
C45 "C4'" "O4'"  sing N N 27  
C45 "C4'" "C5'"  sing N N 28  
C45 "C4'" "H4'"  sing N N 29  
C45 "O3'" HA     sing N N 30  
C45 "C5'" "O5'"  sing N N 31  
C45 "C5'" "H5'1" sing N N 32  
C45 "C5'" "H5'2" sing N N 33  
C45 "O5'" P      sing N N 34  
C45 P     O1P    sing N N 35  
C45 P     O2P    sing N N 36  
C45 P     O3P    doub N N 37  
C45 O1P   H1P    sing N N 38  
C45 O2P   H2P    sing N N 39  
DA  OP3   P      sing N N 40  
DA  OP3   HOP3   sing N N 41  
DA  P     OP1    doub N N 42  
DA  P     OP2    sing N N 43  
DA  P     "O5'"  sing N N 44  
DA  OP2   HOP2   sing N N 45  
DA  "O5'" "C5'"  sing N N 46  
DA  "C5'" "C4'"  sing N N 47  
DA  "C5'" "H5'"  sing N N 48  
DA  "C5'" "H5''" sing N N 49  
DA  "C4'" "O4'"  sing N N 50  
DA  "C4'" "C3'"  sing N N 51  
DA  "C4'" "H4'"  sing N N 52  
DA  "O4'" "C1'"  sing N N 53  
DA  "C3'" "O3'"  sing N N 54  
DA  "C3'" "C2'"  sing N N 55  
DA  "C3'" "H3'"  sing N N 56  
DA  "O3'" "HO3'" sing N N 57  
DA  "C2'" "C1'"  sing N N 58  
DA  "C2'" "H2'"  sing N N 59  
DA  "C2'" "H2''" sing N N 60  
DA  "C1'" N9     sing N N 61  
DA  "C1'" "H1'"  sing N N 62  
DA  N9    C8     sing Y N 63  
DA  N9    C4     sing Y N 64  
DA  C8    N7     doub Y N 65  
DA  C8    H8     sing N N 66  
DA  N7    C5     sing Y N 67  
DA  C5    C6     sing Y N 68  
DA  C5    C4     doub Y N 69  
DA  C6    N6     sing N N 70  
DA  C6    N1     doub Y N 71  
DA  N6    H61    sing N N 72  
DA  N6    H62    sing N N 73  
DA  N1    C2     sing Y N 74  
DA  C2    N3     doub Y N 75  
DA  C2    H2     sing N N 76  
DA  N3    C4     sing Y N 77  
DC  OP3   P      sing N N 78  
DC  OP3   HOP3   sing N N 79  
DC  P     OP1    doub N N 80  
DC  P     OP2    sing N N 81  
DC  P     "O5'"  sing N N 82  
DC  OP2   HOP2   sing N N 83  
DC  "O5'" "C5'"  sing N N 84  
DC  "C5'" "C4'"  sing N N 85  
DC  "C5'" "H5'"  sing N N 86  
DC  "C5'" "H5''" sing N N 87  
DC  "C4'" "O4'"  sing N N 88  
DC  "C4'" "C3'"  sing N N 89  
DC  "C4'" "H4'"  sing N N 90  
DC  "O4'" "C1'"  sing N N 91  
DC  "C3'" "O3'"  sing N N 92  
DC  "C3'" "C2'"  sing N N 93  
DC  "C3'" "H3'"  sing N N 94  
DC  "O3'" "HO3'" sing N N 95  
DC  "C2'" "C1'"  sing N N 96  
DC  "C2'" "H2'"  sing N N 97  
DC  "C2'" "H2''" sing N N 98  
DC  "C1'" N1     sing N N 99  
DC  "C1'" "H1'"  sing N N 100 
DC  N1    C2     sing N N 101 
DC  N1    C6     sing N N 102 
DC  C2    O2     doub N N 103 
DC  C2    N3     sing N N 104 
DC  N3    C4     doub N N 105 
DC  C4    N4     sing N N 106 
DC  C4    C5     sing N N 107 
DC  N4    H41    sing N N 108 
DC  N4    H42    sing N N 109 
DC  C5    C6     doub N N 110 
DC  C5    H5     sing N N 111 
DC  C6    H6     sing N N 112 
DG  OP3   P      sing N N 113 
DG  OP3   HOP3   sing N N 114 
DG  P     OP1    doub N N 115 
DG  P     OP2    sing N N 116 
DG  P     "O5'"  sing N N 117 
DG  OP2   HOP2   sing N N 118 
DG  "O5'" "C5'"  sing N N 119 
DG  "C5'" "C4'"  sing N N 120 
DG  "C5'" "H5'"  sing N N 121 
DG  "C5'" "H5''" sing N N 122 
DG  "C4'" "O4'"  sing N N 123 
DG  "C4'" "C3'"  sing N N 124 
DG  "C4'" "H4'"  sing N N 125 
DG  "O4'" "C1'"  sing N N 126 
DG  "C3'" "O3'"  sing N N 127 
DG  "C3'" "C2'"  sing N N 128 
DG  "C3'" "H3'"  sing N N 129 
DG  "O3'" "HO3'" sing N N 130 
DG  "C2'" "C1'"  sing N N 131 
DG  "C2'" "H2'"  sing N N 132 
DG  "C2'" "H2''" sing N N 133 
DG  "C1'" N9     sing N N 134 
DG  "C1'" "H1'"  sing N N 135 
DG  N9    C8     sing Y N 136 
DG  N9    C4     sing Y N 137 
DG  C8    N7     doub Y N 138 
DG  C8    H8     sing N N 139 
DG  N7    C5     sing Y N 140 
DG  C5    C6     sing N N 141 
DG  C5    C4     doub Y N 142 
DG  C6    O6     doub N N 143 
DG  C6    N1     sing N N 144 
DG  N1    C2     sing N N 145 
DG  N1    H1     sing N N 146 
DG  C2    N2     sing N N 147 
DG  C2    N3     doub N N 148 
DG  N2    H21    sing N N 149 
DG  N2    H22    sing N N 150 
DG  N3    C4     sing N N 151 
DT  OP3   P      sing N N 152 
DT  OP3   HOP3   sing N N 153 
DT  P     OP1    doub N N 154 
DT  P     OP2    sing N N 155 
DT  P     "O5'"  sing N N 156 
DT  OP2   HOP2   sing N N 157 
DT  "O5'" "C5'"  sing N N 158 
DT  "C5'" "C4'"  sing N N 159 
DT  "C5'" "H5'"  sing N N 160 
DT  "C5'" "H5''" sing N N 161 
DT  "C4'" "O4'"  sing N N 162 
DT  "C4'" "C3'"  sing N N 163 
DT  "C4'" "H4'"  sing N N 164 
DT  "O4'" "C1'"  sing N N 165 
DT  "C3'" "O3'"  sing N N 166 
DT  "C3'" "C2'"  sing N N 167 
DT  "C3'" "H3'"  sing N N 168 
DT  "O3'" "HO3'" sing N N 169 
DT  "C2'" "C1'"  sing N N 170 
DT  "C2'" "H2'"  sing N N 171 
DT  "C2'" "H2''" sing N N 172 
DT  "C1'" N1     sing N N 173 
DT  "C1'" "H1'"  sing N N 174 
DT  N1    C2     sing N N 175 
DT  N1    C6     sing N N 176 
DT  C2    O2     doub N N 177 
DT  C2    N3     sing N N 178 
DT  N3    C4     sing N N 179 
DT  N3    H3     sing N N 180 
DT  C4    O4     doub N N 181 
DT  C4    C5     sing N N 182 
DT  C5    C7     sing N N 183 
DT  C5    C6     doub N N 184 
DT  C7    H71    sing N N 185 
DT  C7    H72    sing N N 186 
DT  C7    H73    sing N N 187 
DT  C6    H6     sing N N 188 
HOH O     H1     sing N N 189 
HOH O     H2     sing N N 190 
# 
loop_
_ndb_struct_conf_na.entry_id 
_ndb_struct_conf_na.feature 
1I3T 'double helix'        
1I3T 'b-form double helix' 
# 
loop_
_ndb_struct_na_base_pair.model_number 
_ndb_struct_na_base_pair.i_label_asym_id 
_ndb_struct_na_base_pair.i_label_comp_id 
_ndb_struct_na_base_pair.i_label_seq_id 
_ndb_struct_na_base_pair.i_symmetry 
_ndb_struct_na_base_pair.j_label_asym_id 
_ndb_struct_na_base_pair.j_label_comp_id 
_ndb_struct_na_base_pair.j_label_seq_id 
_ndb_struct_na_base_pair.j_symmetry 
_ndb_struct_na_base_pair.shear 
_ndb_struct_na_base_pair.stretch 
_ndb_struct_na_base_pair.stagger 
_ndb_struct_na_base_pair.buckle 
_ndb_struct_na_base_pair.propeller 
_ndb_struct_na_base_pair.opening 
_ndb_struct_na_base_pair.pair_number 
_ndb_struct_na_base_pair.pair_name 
_ndb_struct_na_base_pair.i_auth_asym_id 
_ndb_struct_na_base_pair.i_auth_seq_id 
_ndb_struct_na_base_pair.i_PDB_ins_code 
_ndb_struct_na_base_pair.j_auth_asym_id 
_ndb_struct_na_base_pair.j_auth_seq_id 
_ndb_struct_na_base_pair.j_PDB_ins_code 
_ndb_struct_na_base_pair.hbond_type_28 
_ndb_struct_na_base_pair.hbond_type_12 
1 A DC  1  1_555 B DG  12 1_555 0.193  -0.163 0.598  -6.343  -16.854 -0.175 1  A_DC1:DG24_B  A 1  ? B 24 ? 19 1 
1 A DG  2  1_555 B DC  11 1_555 -0.178 -0.133 0.179  -6.612  -15.879 -4.142 2  A_DG2:DC23_B  A 2  ? B 23 ? 19 1 
1 A DC  3  1_555 B DG  10 1_555 0.135  -0.105 0.136  -8.100  0.317   2.164  3  A_DC3:DG22_B  A 3  ? B 22 ? 19 1 
1 A DG  4  1_555 B C45 9  1_555 -2.743 -0.261 -0.003 13.080  -8.581  6.495  4  A_DG4:C4521_B A 4  ? B 21 ? ?  ? 
1 A DA  5  1_555 B DT  8  1_555 0.058  -0.090 0.046  3.889   -18.779 5.817  5  A_DA5:DT20_B  A 5  ? B 20 ? 20 1 
1 A DA  6  1_555 B DT  7  1_555 -0.054 -0.124 0.182  -2.123  -17.069 5.458  6  A_DA6:DT19_B  A 6  ? B 19 ? 20 1 
1 A DT  7  1_555 B DA  6  1_555 0.045  -0.086 0.279  -3.943  -16.658 2.298  7  A_DT7:DA18_B  A 7  ? B 18 ? 20 1 
1 A DT  8  1_555 B DA  5  1_555 -0.080 -0.143 0.219  -6.855  -16.628 4.183  8  A_DT8:DA17_B  A 8  ? B 17 ? 20 1 
1 A C45 9  1_555 B DG  4  1_555 0.562  -0.144 0.185  -19.854 -7.500  -2.909 9  A_C459:DG16_B A 9  ? B 16 ? 19 1 
1 A DG  10 1_555 B DC  3  1_555 -0.068 -0.052 0.216  7.841   -1.879  2.212  10 A_DG10:DC15_B A 10 ? B 15 ? 19 1 
1 A DC  11 1_555 B DG  2  1_555 0.061  -0.203 0.320  12.443  -20.440 -4.357 11 A_DC11:DG14_B A 11 ? B 14 ? 19 1 
1 A DG  12 1_555 B DC  1  1_555 -0.483 -0.134 -0.323 1.194   17.928  -3.204 12 A_DG12:DC13_B A 12 ? B 13 ? 19 1 
# 
loop_
_ndb_struct_na_base_pair_step.model_number 
_ndb_struct_na_base_pair_step.i_label_asym_id_1 
_ndb_struct_na_base_pair_step.i_label_comp_id_1 
_ndb_struct_na_base_pair_step.i_label_seq_id_1 
_ndb_struct_na_base_pair_step.i_symmetry_1 
_ndb_struct_na_base_pair_step.j_label_asym_id_1 
_ndb_struct_na_base_pair_step.j_label_comp_id_1 
_ndb_struct_na_base_pair_step.j_label_seq_id_1 
_ndb_struct_na_base_pair_step.j_symmetry_1 
_ndb_struct_na_base_pair_step.i_label_asym_id_2 
_ndb_struct_na_base_pair_step.i_label_comp_id_2 
_ndb_struct_na_base_pair_step.i_label_seq_id_2 
_ndb_struct_na_base_pair_step.i_symmetry_2 
_ndb_struct_na_base_pair_step.j_label_asym_id_2 
_ndb_struct_na_base_pair_step.j_label_comp_id_2 
_ndb_struct_na_base_pair_step.j_label_seq_id_2 
_ndb_struct_na_base_pair_step.j_symmetry_2 
_ndb_struct_na_base_pair_step.shift 
_ndb_struct_na_base_pair_step.slide 
_ndb_struct_na_base_pair_step.rise 
_ndb_struct_na_base_pair_step.tilt 
_ndb_struct_na_base_pair_step.roll 
_ndb_struct_na_base_pair_step.twist 
_ndb_struct_na_base_pair_step.x_displacement 
_ndb_struct_na_base_pair_step.y_displacement 
_ndb_struct_na_base_pair_step.helical_rise 
_ndb_struct_na_base_pair_step.inclination 
_ndb_struct_na_base_pair_step.tip 
_ndb_struct_na_base_pair_step.helical_twist 
_ndb_struct_na_base_pair_step.step_number 
_ndb_struct_na_base_pair_step.step_name 
_ndb_struct_na_base_pair_step.i_auth_asym_id_1 
_ndb_struct_na_base_pair_step.i_auth_seq_id_1 
_ndb_struct_na_base_pair_step.i_PDB_ins_code_1 
_ndb_struct_na_base_pair_step.j_auth_asym_id_1 
_ndb_struct_na_base_pair_step.j_auth_seq_id_1 
_ndb_struct_na_base_pair_step.j_PDB_ins_code_1 
_ndb_struct_na_base_pair_step.i_auth_asym_id_2 
_ndb_struct_na_base_pair_step.i_auth_seq_id_2 
_ndb_struct_na_base_pair_step.i_PDB_ins_code_2 
_ndb_struct_na_base_pair_step.j_auth_asym_id_2 
_ndb_struct_na_base_pair_step.j_auth_seq_id_2 
_ndb_struct_na_base_pair_step.j_PDB_ins_code_2 
1 A DC  1  1_555 B DG  12 1_555 A DG  2  1_555 B DC  11 1_555 0.012  0.203  3.274 2.948  4.782   35.454 -0.359 0.405  3.263 7.791 
-4.803 35.882 1  AA_DC1DG2:DC23DG24_BB   A 1  ? B 24 ? A 2  ? B 23 ? 
1 A DG  2  1_555 B DC  11 1_555 A DC  3  1_555 B DG  10 1_555 1.129  0.500  3.412 0.525  -7.524  41.314 1.506  -1.521 3.290 
-10.558 -0.737 41.967 2  AA_DG2DC3:DG22DC23_BB   A 2  ? B 23 ? A 3  ? B 22 ? 
1 A DC  3  1_555 B DG  10 1_555 A DG  4  1_555 B C45 9  1_555 -0.105 0.003  2.884 0.983  3.692   15.126 -2.487 1.051  2.791 13.743 
-3.660 15.598 3  AA_DC3DG4:C4521DG22_BB  A 3  ? B 22 ? A 4  ? B 21 ? 
1 A DG  4  1_555 B C45 9  1_555 A DA  5  1_555 B DT  8  1_555 -0.544 0.324  3.563 -2.103 -1.486  51.111 0.487  0.471  3.571 -1.722 
2.435  51.171 4  AA_DG4DA5:DT20C4521_BB  A 4  ? B 21 ? A 5  ? B 20 ? 
1 A DA  5  1_555 B DT  8  1_555 A DA  6  1_555 B DT  7  1_555 0.094  -0.270 3.320 -1.690 0.756   36.039 -0.544 -0.394 3.307 1.221 
2.729  36.085 5  AA_DA5DA6:DT19DT20_BB   A 5  ? B 20 ? A 6  ? B 19 ? 
1 A DA  6  1_555 B DT  7  1_555 A DT  7  1_555 B DA  6  1_555 -0.118 -0.657 3.268 -1.404 -2.043  32.798 -0.809 -0.033 3.304 -3.611 
2.482  32.889 6  AA_DA6DT7:DA18DT19_BB   A 6  ? B 19 ? A 7  ? B 18 ? 
1 A DT  7  1_555 B DA  6  1_555 A DT  8  1_555 B DA  5  1_555 -0.039 -0.378 3.228 1.624  -2.986  35.306 -0.187 0.299  3.243 -4.909 
-2.670 35.464 7  AA_DT7DT8:DA17DA18_BB   A 7  ? B 18 ? A 8  ? B 17 ? 
1 A DT  8  1_555 B DA  5  1_555 A C45 9  1_555 B DG  4  1_555 -0.220 -0.378 3.582 1.110  -3.272  42.303 -0.157 0.428  3.594 -4.525 
-1.535 42.437 8  AA_DT8C459:DG16DA17_BB  A 8  ? B 17 ? A 9  ? B 16 ? 
1 A C45 9  1_555 B DG  4  1_555 A DG  10 1_555 B DC  3  1_555 0.566  0.392  2.863 -1.806 1.706   25.113 0.462  -1.757 2.835 3.911 
4.140  25.234 9  AA_C459DG10:DC15DG16_BB A 9  ? B 16 ? A 10 ? B 15 ? 
1 A DG  10 1_555 B DC  3  1_555 A DC  11 1_555 B DG  2  1_555 -1.147 0.348  3.363 -3.908 -7.959  38.881 1.464  1.215  3.326 
-11.771 5.780  39.842 10 AA_DG10DC11:DG14DC15_BB A 10 ? B 15 ? A 11 ? B 14 ? 
1 A DC  11 1_555 B DG  2  1_555 A DG  12 1_555 B DC  1  1_555 0.589  0.607  4.133 3.524  -19.015 39.763 3.033  -0.373 3.542 
-26.167 -4.849 44.045 11 AA_DC11DG12:DC13DG14_BB A 11 ? B 14 ? A 12 ? B 13 ? 
# 
loop_
_pdbx_entity_nonpoly.entity_id 
_pdbx_entity_nonpoly.name 
_pdbx_entity_nonpoly.comp_id 
2 'MAGNESIUM ION' MG  
3 water           HOH 
# 
_pdbx_initial_refinement_model.id               1 
_pdbx_initial_refinement_model.entity_id_list   ? 
_pdbx_initial_refinement_model.type             'experimental model' 
_pdbx_initial_refinement_model.source_name      PDB 
_pdbx_initial_refinement_model.accession_code   355D 
_pdbx_initial_refinement_model.details          'PDB ENTRY 355D' 
# 
